data_2AJA
#
_entry.id   2AJA
#
_cell.length_a   79.610
_cell.length_b   90.457
_cell.length_c   118.719
_cell.angle_alpha   90.00
_cell.angle_beta   90.00
_cell.angle_gamma   90.00
#
_symmetry.space_group_name_H-M   'P 21 21 21'
#
loop_
_entity.id
_entity.type
_entity.pdbx_description
1 polymer 'ankyrin repeat family protein'
2 water water
#
_entity_poly.entity_id   1
_entity_poly.type   'polypeptide(L)'
_entity_poly.pdbx_seq_one_letter_code
;(MSE)CNLTIHNIENYENDPQLRLIPWILWENLFQHFISANELSL(MSE)TLSYKEAIHIFLPGTKN(MSE)EQVRQLLC
LYYAHYNRNAKQLWSDAHKKGIKSEVICFVAAITGCSSALDTLCLLLTSDEIVKVIQAENYQAFRLAAENGHLHVLNRLC
ELAPTEI(MSE)A(MSE)IQAENYHAFRLAAENGHLHVLNRLCELAPTEATA(MSE)IQAENYYAFRWAAVGRGHHNVIN
FLLDCPV(MSE)LAYAEIHEFEYGEKYVNPFIARHVNRLKE(MSE)HDAFKLSNPDGVFDLVTKSECLQGFY(MSE)LRN
LIRRNDEVLLDDIRFLLSIPGIKALAPTATIPGDANELLRLALRLGNQGACALLLSIPSVLALTKANNYYINETGGRLDL
RAVALEHHHHHH
;
_entity_poly.pdbx_strand_id   A,B
#
# COMPACT_ATOMS: atom_id res chain seq x y z
N ASN A 3 -30.85 12.59 17.32
CA ASN A 3 -29.53 13.17 16.98
C ASN A 3 -29.33 13.30 15.47
N LEU A 4 -28.15 12.96 14.97
CA LEU A 4 -27.86 13.05 13.52
C LEU A 4 -27.18 11.81 12.93
N THR A 5 -27.56 11.50 11.68
CA THR A 5 -27.03 10.35 10.95
C THR A 5 -26.74 10.72 9.50
N ILE A 6 -25.52 10.44 9.06
CA ILE A 6 -25.14 10.76 7.70
C ILE A 6 -24.50 9.58 6.96
N HIS A 7 -24.94 9.40 5.72
CA HIS A 7 -24.41 8.37 4.83
C HIS A 7 -23.94 9.11 3.59
N ASN A 8 -24.63 10.21 3.32
CA ASN A 8 -24.32 11.05 2.17
C ASN A 8 -23.04 11.87 2.40
N ILE A 9 -21.94 11.43 1.79
CA ILE A 9 -20.64 12.09 1.93
C ILE A 9 -20.71 13.59 1.69
N GLU A 10 -21.44 14.01 0.68
CA GLU A 10 -21.58 15.42 0.38
C GLU A 10 -22.26 16.14 1.55
N ASN A 11 -23.11 15.42 2.27
CA ASN A 11 -23.81 15.97 3.43
C ASN A 11 -23.01 15.69 4.71
N TYR A 12 -21.72 15.47 4.54
CA TYR A 12 -20.84 15.19 5.66
C TYR A 12 -19.72 16.22 5.65
N GLU A 13 -19.24 16.56 4.46
CA GLU A 13 -18.18 17.57 4.33
C GLU A 13 -18.82 18.95 4.36
N ASN A 14 -20.14 18.99 4.55
CA ASN A 14 -20.86 20.25 4.63
C ASN A 14 -21.00 20.61 6.09
N ASP A 15 -20.69 19.64 6.95
CA ASP A 15 -20.77 19.85 8.39
C ASP A 15 -19.40 20.32 8.89
N PRO A 16 -19.28 21.62 9.19
CA PRO A 16 -18.02 22.18 9.68
C PRO A 16 -17.33 21.35 10.75
N GLN A 17 -18.09 20.60 11.54
CA GLN A 17 -17.51 19.81 12.61
C GLN A 17 -17.29 18.35 12.27
N LEU A 18 -18.36 17.68 11.86
CA LEU A 18 -18.29 16.26 11.53
C LEU A 18 -17.19 15.93 10.54
N ARG A 19 -16.97 16.81 9.58
CA ARG A 19 -15.96 16.58 8.55
C ARG A 19 -14.56 16.43 9.11
N LEU A 20 -14.34 16.92 10.33
CA LEU A 20 -13.04 16.81 10.96
C LEU A 20 -12.75 15.37 11.35
N ILE A 21 -13.76 14.52 11.30
CA ILE A 21 -13.56 13.12 11.65
C ILE A 21 -13.32 12.30 10.39
N PRO A 22 -12.27 11.47 10.38
CA PRO A 22 -11.98 10.65 9.21
C PRO A 22 -13.22 9.89 8.75
N TRP A 23 -13.61 10.10 7.49
CA TRP A 23 -14.77 9.42 6.93
C TRP A 23 -14.78 7.94 7.26
N ILE A 24 -13.64 7.26 7.10
CA ILE A 24 -13.58 5.83 7.39
C ILE A 24 -14.03 5.51 8.80
N LEU A 25 -13.59 6.31 9.77
CA LEU A 25 -13.96 6.10 11.17
C LEU A 25 -15.46 6.31 11.38
N TRP A 26 -15.97 7.42 10.86
CA TRP A 26 -17.38 7.76 10.99
C TRP A 26 -18.30 6.64 10.55
N GLU A 27 -17.79 5.75 9.71
CA GLU A 27 -18.59 4.64 9.20
C GLU A 27 -18.31 3.35 9.96
N ASN A 28 -17.07 3.18 10.41
CA ASN A 28 -16.67 1.97 11.10
C ASN A 28 -16.66 2.04 12.63
N LEU A 29 -16.84 3.24 13.18
CA LEU A 29 -16.88 3.43 14.63
C LEU A 29 -18.13 4.17 15.08
N PHE A 30 -18.48 5.24 14.37
CA PHE A 30 -19.66 6.02 14.73
C PHE A 30 -20.94 5.50 14.08
N GLN A 31 -20.78 4.55 13.15
CA GLN A 31 -21.92 3.96 12.47
C GLN A 31 -22.82 5.02 11.85
N HIS A 32 -22.21 6.01 11.20
CA HIS A 32 -22.94 7.08 10.54
C HIS A 32 -23.88 7.88 11.45
N PHE A 33 -23.76 7.68 12.77
CA PHE A 33 -24.62 8.42 13.71
C PHE A 33 -23.79 9.01 14.85
N ILE A 34 -24.18 10.19 15.31
CA ILE A 34 -23.47 10.86 16.39
C ILE A 34 -24.44 11.30 17.50
N SER A 35 -24.13 10.95 18.74
CA SER A 35 -24.98 11.30 19.89
C SER A 35 -25.00 12.81 20.16
N ALA A 36 -25.97 13.26 20.94
CA ALA A 36 -26.06 14.69 21.26
C ALA A 36 -25.07 15.08 22.36
N ASN A 37 -24.77 14.14 23.25
CA ASN A 37 -23.82 14.38 24.34
C ASN A 37 -22.38 14.32 23.83
N GLU A 38 -22.22 14.15 22.52
CA GLU A 38 -20.90 14.06 21.90
C GLU A 38 -20.67 15.20 20.91
N LEU A 39 -21.71 15.53 20.15
CA LEU A 39 -21.61 16.60 19.16
C LEU A 39 -21.32 17.91 19.87
N SER A 40 -21.81 18.00 21.10
CA SER A 40 -21.61 19.18 21.92
C SER A 40 -20.11 19.46 22.08
N LEU A 41 -19.35 18.41 22.37
CA LEU A 41 -17.90 18.52 22.56
C LEU A 41 -17.16 18.96 21.31
N MSE A 42 -17.86 19.06 20.18
CA MSE A 42 -17.22 19.46 18.95
C MSE A 42 -17.54 20.87 18.46
O MSE A 42 -16.78 21.45 17.69
CB MSE A 42 -17.53 18.44 17.84
CG MSE A 42 -16.88 17.07 18.04
SE MSE A 42 -17.22 15.84 16.56
CE MSE A 42 -16.45 16.88 15.13
N THR A 43 -18.67 21.42 18.91
CA THR A 43 -19.09 22.77 18.50
C THR A 43 -18.75 23.90 19.49
N LEU A 44 -18.81 23.60 20.79
CA LEU A 44 -18.51 24.56 21.83
C LEU A 44 -16.99 24.66 21.99
N SER A 45 -16.53 25.72 22.65
CA SER A 45 -15.08 25.89 22.87
C SER A 45 -14.54 24.65 23.59
N TYR A 46 -13.23 24.54 23.66
CA TYR A 46 -12.58 23.41 24.31
C TYR A 46 -12.82 23.35 25.81
N LYS A 47 -12.61 24.49 26.49
CA LYS A 47 -12.77 24.55 27.93
C LYS A 47 -14.22 24.34 28.33
N GLU A 48 -15.15 24.66 27.44
CA GLU A 48 -16.57 24.47 27.70
C GLU A 48 -16.92 22.99 27.61
N ALA A 49 -16.45 22.36 26.54
CA ALA A 49 -16.68 20.94 26.27
C ALA A 49 -16.28 20.10 27.47
N ILE A 50 -15.15 20.45 28.08
CA ILE A 50 -14.65 19.73 29.24
C ILE A 50 -15.45 20.14 30.48
N HIS A 51 -15.92 21.39 30.46
CA HIS A 51 -16.70 21.95 31.57
C HIS A 51 -17.93 21.08 31.77
N ILE A 52 -18.46 20.55 30.67
CA ILE A 52 -19.64 19.70 30.70
C ILE A 52 -19.30 18.21 30.61
N PHE A 53 -18.29 17.91 29.80
CA PHE A 53 -17.85 16.55 29.57
C PHE A 53 -18.08 15.53 30.67
N LEU A 54 -19.12 14.74 30.50
CA LEU A 54 -19.43 13.67 31.46
C LEU A 54 -19.08 12.39 30.73
N PRO A 55 -18.11 11.63 31.25
CA PRO A 55 -17.68 10.36 30.65
C PRO A 55 -18.73 9.25 30.59
N GLY A 56 -18.30 8.07 30.14
CA GLY A 56 -19.22 6.95 30.04
C GLY A 56 -18.72 5.80 30.88
N THR A 57 -19.52 4.74 30.97
CA THR A 57 -19.15 3.57 31.75
C THR A 57 -18.61 2.47 30.84
N LYS A 58 -19.22 2.33 29.67
CA LYS A 58 -18.84 1.34 28.68
C LYS A 58 -17.75 1.90 27.74
N ASN A 59 -16.68 1.13 27.58
CA ASN A 59 -15.57 1.50 26.71
C ASN A 59 -15.95 2.34 25.47
N MSE A 60 -16.71 1.76 24.55
CA MSE A 60 -17.05 2.46 23.31
C MSE A 60 -17.65 3.84 23.49
O MSE A 60 -17.54 4.69 22.61
CB MSE A 60 -17.99 1.64 22.44
CG MSE A 60 -17.95 2.08 20.97
SE MSE A 60 -16.23 1.68 20.07
CE MSE A 60 -16.98 0.83 18.49
N GLU A 61 -18.29 4.05 24.63
CA GLU A 61 -18.90 5.33 24.96
C GLU A 61 -17.78 6.36 24.98
N GLN A 62 -16.80 6.13 25.85
CA GLN A 62 -15.68 7.04 25.98
C GLN A 62 -14.96 7.22 24.65
N VAL A 63 -14.57 6.10 24.02
CA VAL A 63 -13.86 6.15 22.75
C VAL A 63 -14.52 7.09 21.75
N ARG A 64 -15.79 6.87 21.44
CA ARG A 64 -16.48 7.74 20.50
C ARG A 64 -16.40 9.19 20.96
N GLN A 65 -16.37 9.41 22.28
CA GLN A 65 -16.30 10.77 22.79
C GLN A 65 -14.91 11.37 22.66
N LEU A 66 -13.92 10.68 23.21
CA LEU A 66 -12.53 11.12 23.18
C LEU A 66 -12.10 11.48 21.76
N LEU A 67 -12.60 10.72 20.78
CA LEU A 67 -12.26 10.98 19.39
C LEU A 67 -12.90 12.30 18.92
N CYS A 68 -14.07 12.63 19.43
CA CYS A 68 -14.75 13.88 19.05
C CYS A 68 -14.01 15.08 19.55
N LEU A 69 -13.42 14.96 20.72
CA LEU A 69 -12.67 16.05 21.30
C LEU A 69 -11.35 16.22 20.56
N TYR A 70 -10.70 15.10 20.24
CA TYR A 70 -9.42 15.12 19.53
C TYR A 70 -9.51 15.83 18.18
N TYR A 71 -10.29 15.24 17.27
CA TYR A 71 -10.45 15.78 15.94
C TYR A 71 -11.03 17.18 15.86
N ALA A 72 -11.36 17.76 17.02
CA ALA A 72 -11.94 19.09 17.01
C ALA A 72 -11.17 20.11 17.84
N HIS A 73 -10.40 19.64 18.82
CA HIS A 73 -9.68 20.56 19.67
C HIS A 73 -8.20 20.27 19.83
N TYR A 74 -7.78 19.02 19.63
CA TYR A 74 -6.37 18.68 19.81
C TYR A 74 -5.40 19.70 19.24
N ASN A 75 -5.64 20.15 18.01
CA ASN A 75 -4.75 21.14 17.42
C ASN A 75 -4.87 22.47 18.14
N ARG A 76 -6.11 22.85 18.48
CA ARG A 76 -6.39 24.12 19.17
C ARG A 76 -6.08 24.14 20.67
N ASN A 77 -4.78 24.27 20.96
CA ASN A 77 -4.26 24.34 22.32
C ASN A 77 -4.64 23.20 23.25
N ALA A 78 -5.49 22.30 22.77
CA ALA A 78 -5.88 21.16 23.59
C ALA A 78 -4.76 20.12 23.58
N LYS A 79 -3.51 20.59 23.53
CA LYS A 79 -2.34 19.70 23.52
C LYS A 79 -2.27 18.89 24.81
N GLN A 80 -3.15 19.24 25.76
CA GLN A 80 -3.19 18.58 27.05
C GLN A 80 -4.52 17.85 27.30
N LEU A 81 -5.24 17.61 26.21
CA LEU A 81 -6.51 16.91 26.20
C LEU A 81 -6.40 15.50 26.73
N TRP A 82 -5.19 14.94 26.68
CA TRP A 82 -4.96 13.58 27.15
C TRP A 82 -4.92 13.60 28.66
N SER A 83 -4.42 14.71 29.21
CA SER A 83 -4.34 14.86 30.66
C SER A 83 -5.73 15.12 31.22
N ASP A 84 -6.40 16.14 30.69
CA ASP A 84 -7.74 16.48 31.16
C ASP A 84 -8.64 15.24 31.03
N ALA A 85 -8.50 14.52 29.91
CA ALA A 85 -9.31 13.33 29.68
C ALA A 85 -9.20 12.41 30.89
N HIS A 86 -7.97 12.00 31.19
CA HIS A 86 -7.71 11.12 32.32
C HIS A 86 -8.44 11.63 33.56
N LYS A 87 -8.39 12.96 33.75
CA LYS A 87 -9.06 13.58 34.88
C LYS A 87 -10.56 13.32 34.86
N LYS A 88 -11.26 14.10 34.04
CA LYS A 88 -12.71 14.01 33.92
C LYS A 88 -13.30 12.62 34.18
N GLY A 89 -12.83 11.62 33.44
CA GLY A 89 -13.34 10.27 33.64
C GLY A 89 -13.16 9.33 32.46
N ILE A 90 -12.05 9.47 31.74
CA ILE A 90 -11.79 8.59 30.60
C ILE A 90 -10.83 7.48 31.05
N LYS A 91 -11.25 6.24 30.84
CA LYS A 91 -10.44 5.10 31.23
C LYS A 91 -9.02 5.24 30.68
N SER A 92 -8.04 4.79 31.47
CA SER A 92 -6.64 4.85 31.06
C SER A 92 -6.38 4.06 29.79
N GLU A 93 -7.24 3.07 29.52
CA GLU A 93 -7.07 2.26 28.32
C GLU A 93 -7.73 2.92 27.12
N VAL A 94 -8.86 3.59 27.32
CA VAL A 94 -9.55 4.25 26.22
C VAL A 94 -8.65 5.25 25.50
N ILE A 95 -7.77 5.90 26.24
CA ILE A 95 -6.84 6.87 25.69
C ILE A 95 -5.80 6.12 24.86
N CYS A 96 -5.49 4.91 25.30
CA CYS A 96 -4.52 4.07 24.62
C CYS A 96 -5.09 3.55 23.30
N PHE A 97 -6.41 3.49 23.19
CA PHE A 97 -7.01 3.03 21.95
C PHE A 97 -7.02 4.17 20.96
N VAL A 98 -7.34 5.36 21.47
CA VAL A 98 -7.42 6.55 20.63
C VAL A 98 -6.03 6.98 20.18
N ALA A 99 -5.03 6.37 20.81
CA ALA A 99 -3.64 6.64 20.50
C ALA A 99 -3.25 5.76 19.32
N ALA A 100 -3.71 4.51 19.38
CA ALA A 100 -3.45 3.50 18.37
C ALA A 100 -4.27 3.71 17.11
N ILE A 101 -5.31 4.51 17.22
CA ILE A 101 -6.20 4.79 16.11
C ILE A 101 -5.79 6.08 15.41
N THR A 102 -5.67 7.15 16.17
CA THR A 102 -5.28 8.45 15.62
C THR A 102 -3.79 8.51 15.32
N GLY A 103 -3.01 7.67 16.00
CA GLY A 103 -1.57 7.67 15.78
C GLY A 103 -0.84 8.74 16.58
N CYS A 104 -1.58 9.41 17.47
CA CYS A 104 -1.02 10.46 18.30
C CYS A 104 -0.11 9.87 19.38
N SER A 105 1.16 10.21 19.33
CA SER A 105 2.11 9.71 20.30
C SER A 105 1.88 10.42 21.63
N SER A 106 1.60 11.72 21.55
CA SER A 106 1.34 12.54 22.71
C SER A 106 0.44 11.86 23.73
N ALA A 107 -0.58 11.14 23.23
CA ALA A 107 -1.51 10.44 24.11
C ALA A 107 -0.78 9.43 24.96
N LEU A 108 0.02 8.60 24.30
CA LEU A 108 0.80 7.56 24.98
C LEU A 108 1.81 8.19 25.93
N ASP A 109 2.39 9.32 25.54
CA ASP A 109 3.37 10.00 26.38
C ASP A 109 2.83 10.34 27.77
N THR A 110 1.52 10.53 27.86
CA THR A 110 0.91 10.86 29.12
C THR A 110 0.75 9.62 29.99
N LEU A 111 0.13 8.59 29.43
CA LEU A 111 -0.09 7.35 30.16
C LEU A 111 1.24 6.68 30.44
N CYS A 112 2.30 7.28 29.94
CA CYS A 112 3.64 6.73 30.09
C CYS A 112 4.38 7.45 31.20
N LEU A 113 3.62 8.06 32.09
CA LEU A 113 4.17 8.79 33.22
C LEU A 113 3.18 8.63 34.36
N LEU A 114 2.62 7.42 34.44
CA LEU A 114 1.65 7.00 35.45
C LEU A 114 1.76 5.49 35.72
N SER A 117 3.89 0.02 35.49
CA SER A 117 3.35 -1.33 35.55
C SER A 117 1.86 -1.28 35.30
N ASP A 118 1.31 -0.08 35.36
CA ASP A 118 -0.12 0.12 35.12
C ASP A 118 -0.27 0.33 33.61
N GLU A 119 0.85 0.23 32.89
CA GLU A 119 0.84 0.37 31.44
C GLU A 119 0.99 -1.03 30.83
N ILE A 120 1.73 -1.91 31.50
CA ILE A 120 1.91 -3.28 31.02
C ILE A 120 0.63 -4.05 31.27
N VAL A 121 -0.42 -3.33 31.70
CA VAL A 121 -1.71 -3.94 32.00
C VAL A 121 -2.80 -3.33 31.12
N LYS A 122 -2.65 -2.06 30.78
CA LYS A 122 -3.61 -1.36 29.93
C LYS A 122 -3.30 -1.55 28.44
N GLN A 125 -3.00 -4.54 27.37
CA GLN A 125 -3.50 -5.91 27.24
C GLN A 125 -5.02 -5.76 27.10
N ALA A 126 -5.48 -4.57 27.43
CA ALA A 126 -6.89 -4.22 27.38
C ALA A 126 -7.56 -4.68 26.11
N GLU A 127 -8.66 -5.41 26.30
CA GLU A 127 -9.43 -5.94 25.18
C GLU A 127 -8.51 -6.77 24.29
N ASN A 128 -7.88 -7.77 24.91
CA ASN A 128 -6.95 -8.69 24.26
C ASN A 128 -5.96 -8.04 23.31
N TYR A 129 -5.29 -7.00 23.79
CA TYR A 129 -4.29 -6.30 22.99
C TYR A 129 -4.90 -5.56 21.81
N GLN A 130 -6.09 -4.99 22.05
CA GLN A 130 -6.81 -4.25 21.03
C GLN A 130 -5.99 -3.05 20.55
N ALA A 131 -5.22 -2.42 21.44
CA ALA A 131 -4.43 -1.26 21.07
C ALA A 131 -3.38 -1.65 20.02
N PHE A 132 -2.78 -2.82 20.23
CA PHE A 132 -1.78 -3.34 19.32
C PHE A 132 -2.42 -3.65 17.98
N ARG A 133 -3.63 -4.19 18.02
CA ARG A 133 -4.34 -4.54 16.79
C ARG A 133 -4.82 -3.31 16.01
N LEU A 134 -5.34 -2.31 16.72
CA LEU A 134 -5.82 -1.08 16.11
C LEU A 134 -4.68 -0.38 15.39
N ALA A 135 -3.49 -0.41 15.99
CA ALA A 135 -2.33 0.23 15.38
C ALA A 135 -1.97 -0.46 14.07
N ALA A 136 -2.03 -1.79 14.03
CA ALA A 136 -1.69 -2.52 12.82
C ALA A 136 -2.66 -2.21 11.67
N GLU A 137 -3.95 -2.18 11.97
CA GLU A 137 -4.94 -1.90 10.95
C GLU A 137 -4.77 -0.48 10.40
N ASN A 138 -4.36 0.45 11.26
CA ASN A 138 -4.17 1.83 10.83
C ASN A 138 -2.75 2.09 10.35
N GLY A 139 -1.93 1.06 10.40
CA GLY A 139 -0.56 1.19 9.95
C GLY A 139 0.28 2.18 10.73
N HIS A 140 -0.05 2.39 12.00
CA HIS A 140 0.72 3.30 12.82
C HIS A 140 1.90 2.56 13.41
N LEU A 141 2.93 2.36 12.59
CA LEU A 141 4.13 1.64 13.02
C LEU A 141 4.76 2.24 14.27
N HIS A 142 4.75 3.56 14.37
CA HIS A 142 5.35 4.22 15.52
C HIS A 142 4.63 3.89 16.84
N VAL A 143 3.31 3.75 16.80
CA VAL A 143 2.57 3.42 18.02
C VAL A 143 2.86 1.94 18.31
N LEU A 144 2.75 1.10 17.29
CA LEU A 144 3.02 -0.31 17.47
C LEU A 144 4.35 -0.51 18.24
N ASN A 145 5.42 0.15 17.80
CA ASN A 145 6.72 0.03 18.46
C ASN A 145 6.72 0.52 19.91
N ARG A 146 6.02 1.62 20.18
CA ARG A 146 5.92 2.17 21.52
C ARG A 146 5.30 1.14 22.46
N LEU A 147 4.40 0.32 21.94
CA LEU A 147 3.75 -0.70 22.77
C LEU A 147 4.75 -1.81 23.10
N CYS A 148 5.59 -2.11 22.12
CA CYS A 148 6.61 -3.14 22.30
C CYS A 148 7.72 -2.57 23.18
N GLU A 149 7.75 -1.25 23.34
CA GLU A 149 8.77 -0.62 24.16
C GLU A 149 8.31 -0.51 25.61
N LEU A 150 6.99 -0.41 25.77
CA LEU A 150 6.37 -0.30 27.07
C LEU A 150 5.72 -1.61 27.49
N ALA A 151 6.24 -2.72 27.00
CA ALA A 151 5.70 -4.03 27.35
C ALA A 151 6.50 -5.15 26.69
N PRO A 152 7.81 -5.16 26.88
CA PRO A 152 8.65 -6.20 26.28
C PRO A 152 8.11 -7.61 26.51
N THR A 153 7.91 -7.96 27.77
CA THR A 153 7.41 -9.29 28.13
C THR A 153 5.92 -9.34 27.79
N GLU A 154 5.59 -9.32 26.51
CA GLU A 154 4.19 -9.36 26.09
C GLU A 154 4.13 -9.29 24.56
N ILE A 155 5.21 -8.85 23.95
CA ILE A 155 5.26 -8.71 22.51
C ILE A 155 4.75 -9.90 21.73
N MSE A 156 5.09 -11.11 22.18
CA MSE A 156 4.66 -12.33 21.49
C MSE A 156 3.17 -12.62 21.63
O MSE A 156 2.59 -13.27 20.76
CB MSE A 156 5.44 -13.54 22.00
CG MSE A 156 5.07 -14.85 21.32
SE MSE A 156 5.47 -14.88 19.41
CE MSE A 156 7.22 -15.70 19.46
N ALA A 157 2.54 -12.17 22.70
CA ALA A 157 1.12 -12.43 22.86
C ALA A 157 0.34 -11.49 21.97
N MSE A 158 0.91 -10.30 21.75
CA MSE A 158 0.27 -9.29 20.93
C MSE A 158 0.27 -9.71 19.48
O MSE A 158 -0.67 -9.46 18.74
CB MSE A 158 0.99 -7.96 21.07
CG MSE A 158 1.15 -7.51 22.51
SE MSE A 158 1.37 -5.60 22.68
CE MSE A 158 3.26 -5.48 22.29
N ILE A 159 1.37 -10.34 19.07
CA ILE A 159 1.48 -10.77 17.69
C ILE A 159 0.51 -11.90 17.39
N GLN A 160 0.46 -12.90 18.27
CA GLN A 160 -0.43 -14.05 18.08
C GLN A 160 -1.83 -13.81 18.64
N ALA A 161 -2.06 -12.61 19.15
CA ALA A 161 -3.36 -12.28 19.70
C ALA A 161 -4.47 -12.38 18.65
N GLU A 162 -5.57 -13.05 18.99
CA GLU A 162 -6.72 -13.22 18.10
C GLU A 162 -6.40 -13.82 16.74
N ASN A 163 -5.62 -14.90 16.72
CA ASN A 163 -5.26 -15.58 15.47
C ASN A 163 -4.43 -14.66 14.57
N TYR A 164 -3.30 -14.21 15.08
CA TYR A 164 -2.40 -13.31 14.34
C TYR A 164 -3.19 -12.21 13.63
N HIS A 165 -4.14 -11.64 14.36
CA HIS A 165 -5.00 -10.58 13.86
C HIS A 165 -4.19 -9.40 13.34
N ALA A 166 -3.28 -8.91 14.17
CA ALA A 166 -2.44 -7.78 13.81
C ALA A 166 -1.88 -7.92 12.41
N PHE A 167 -1.19 -9.02 12.16
CA PHE A 167 -0.63 -9.26 10.84
C PHE A 167 -1.72 -9.21 9.77
N ARG A 168 -2.79 -9.98 9.96
CA ARG A 168 -3.87 -10.02 8.98
C ARG A 168 -4.46 -8.64 8.65
N LEU A 169 -4.85 -7.88 9.67
CA LEU A 169 -5.40 -6.54 9.49
C LEU A 169 -4.39 -5.69 8.71
N ALA A 170 -3.11 -5.81 9.06
CA ALA A 170 -2.05 -5.07 8.39
C ALA A 170 -2.03 -5.41 6.92
N ALA A 171 -2.09 -6.70 6.63
CA ALA A 171 -2.04 -7.15 5.25
C ALA A 171 -3.21 -6.69 4.41
N GLU A 172 -4.43 -6.83 4.91
CA GLU A 172 -5.57 -6.45 4.09
C GLU A 172 -5.64 -4.94 3.77
N ASN A 173 -4.92 -4.14 4.56
CA ASN A 173 -4.86 -2.70 4.41
C ASN A 173 -3.65 -2.21 3.64
N GLY A 174 -2.80 -3.15 3.24
CA GLY A 174 -1.61 -2.82 2.47
C GLY A 174 -0.41 -2.34 3.25
N HIS A 175 -0.50 -2.35 4.58
CA HIS A 175 0.60 -1.88 5.39
C HIS A 175 1.76 -2.87 5.34
N LEU A 176 2.63 -2.75 4.34
CA LEU A 176 3.75 -3.68 4.22
C LEU A 176 4.77 -3.39 5.29
N HIS A 177 4.91 -2.12 5.66
CA HIS A 177 5.85 -1.73 6.70
C HIS A 177 5.46 -2.34 8.05
N VAL A 178 4.16 -2.47 8.31
CA VAL A 178 3.71 -3.07 9.55
C VAL A 178 3.92 -4.56 9.49
N LEU A 179 3.91 -5.09 8.26
CA LEU A 179 4.11 -6.50 8.03
C LEU A 179 5.58 -6.83 8.29
N ASN A 180 6.48 -6.12 7.61
CA ASN A 180 7.91 -6.36 7.80
C ASN A 180 8.32 -6.43 9.24
N ARG A 181 8.04 -5.35 9.97
CA ARG A 181 8.40 -5.28 11.38
C ARG A 181 7.87 -6.50 12.11
N LEU A 182 6.58 -6.78 11.98
CA LEU A 182 5.97 -7.92 12.63
C LEU A 182 6.76 -9.22 12.45
N CYS A 183 7.25 -9.45 11.24
CA CYS A 183 8.03 -10.65 11.00
C CYS A 183 9.43 -10.52 11.63
N GLU A 184 9.87 -9.30 11.92
CA GLU A 184 11.19 -9.09 12.54
C GLU A 184 11.09 -9.30 14.03
N LEU A 185 9.90 -9.00 14.57
CA LEU A 185 9.63 -9.15 15.98
C LEU A 185 9.59 -10.61 16.39
N ALA A 186 9.45 -11.49 15.40
CA ALA A 186 9.37 -12.92 15.68
C ALA A 186 9.29 -13.73 14.39
N PRO A 187 10.44 -13.99 13.77
CA PRO A 187 10.45 -14.79 12.53
C PRO A 187 9.81 -16.16 12.69
N THR A 188 9.84 -16.70 13.91
CA THR A 188 9.28 -18.02 14.17
C THR A 188 7.76 -18.04 14.05
N GLU A 189 7.19 -16.89 13.69
CA GLU A 189 5.75 -16.82 13.56
C GLU A 189 5.37 -16.43 12.14
N ALA A 190 6.37 -16.08 11.34
CA ALA A 190 6.13 -15.69 9.96
C ALA A 190 5.19 -16.68 9.28
N THR A 191 5.74 -17.81 8.87
CA THR A 191 4.96 -18.85 8.20
C THR A 191 3.59 -19.00 8.87
N ALA A 192 3.52 -18.80 10.17
CA ALA A 192 2.26 -18.93 10.87
C ALA A 192 1.24 -17.88 10.44
N MSE A 193 1.61 -16.61 10.67
CA MSE A 193 0.77 -15.46 10.38
C MSE A 193 0.27 -15.48 8.94
O MSE A 193 -0.87 -15.16 8.65
CB MSE A 193 1.57 -14.16 10.61
CG MSE A 193 2.01 -13.96 12.05
SE MSE A 193 3.17 -12.42 12.35
CE MSE A 193 4.87 -13.15 11.79
N ILE A 194 1.16 -15.86 8.04
CA ILE A 194 0.82 -15.95 6.65
C ILE A 194 -0.28 -16.98 6.42
N GLN A 195 -0.22 -18.11 7.15
CA GLN A 195 -1.21 -19.18 7.02
C GLN A 195 -2.47 -18.92 7.85
N ALA A 196 -2.33 -18.10 8.88
CA ALA A 196 -3.43 -17.78 9.77
C ALA A 196 -4.77 -17.56 9.10
N GLU A 197 -5.79 -18.26 9.60
CA GLU A 197 -7.15 -18.14 9.10
C GLU A 197 -7.28 -18.42 7.60
N ASN A 198 -6.70 -19.53 7.16
CA ASN A 198 -6.73 -19.94 5.76
C ASN A 198 -6.24 -18.81 4.87
N TYR A 199 -5.01 -18.39 5.12
CA TYR A 199 -4.37 -17.31 4.35
C TYR A 199 -5.28 -16.09 4.24
N TYR A 200 -5.56 -15.47 5.38
CA TYR A 200 -6.41 -14.28 5.42
C TYR A 200 -5.69 -13.15 4.72
N ALA A 201 -4.48 -12.88 5.19
CA ALA A 201 -3.63 -11.84 4.64
C ALA A 201 -3.70 -11.73 3.12
N PHE A 202 -3.26 -12.78 2.44
CA PHE A 202 -3.22 -12.77 0.99
C PHE A 202 -4.59 -12.58 0.34
N ARG A 203 -5.61 -13.32 0.79
CA ARG A 203 -6.95 -13.21 0.21
C ARG A 203 -7.52 -11.79 0.26
N TRP A 204 -7.30 -11.08 1.34
CA TRP A 204 -7.83 -9.73 1.41
C TRP A 204 -6.91 -8.65 0.83
N ALA A 205 -5.63 -8.93 0.69
CA ALA A 205 -4.73 -7.95 0.09
C ALA A 205 -4.87 -8.03 -1.42
N ALA A 206 -5.53 -9.08 -1.90
CA ALA A 206 -5.71 -9.28 -3.32
C ALA A 206 -6.98 -8.70 -3.92
N VAL A 207 -8.00 -8.45 -3.10
CA VAL A 207 -9.27 -7.93 -3.59
C VAL A 207 -9.16 -6.54 -4.19
N GLY A 208 -10.17 -6.13 -4.93
CA GLY A 208 -10.19 -4.80 -5.54
C GLY A 208 -8.95 -4.53 -6.38
N ARG A 209 -8.46 -3.29 -6.34
CA ARG A 209 -7.28 -2.92 -7.11
C ARG A 209 -6.12 -3.71 -6.57
N GLY A 210 -6.31 -4.31 -5.40
CA GLY A 210 -5.29 -5.10 -4.75
C GLY A 210 -4.10 -4.32 -4.24
N HIS A 211 -3.45 -4.83 -3.18
CA HIS A 211 -2.27 -4.19 -2.62
C HIS A 211 -1.05 -4.97 -3.04
N HIS A 212 -0.59 -4.71 -4.25
CA HIS A 212 0.56 -5.40 -4.84
C HIS A 212 1.83 -5.42 -4.00
N ASN A 213 1.99 -4.48 -3.09
CA ASN A 213 3.18 -4.47 -2.28
C ASN A 213 3.11 -5.61 -1.29
N VAL A 214 1.91 -5.88 -0.78
CA VAL A 214 1.75 -6.96 0.18
C VAL A 214 1.85 -8.31 -0.54
N ILE A 215 1.10 -8.48 -1.62
CA ILE A 215 1.11 -9.72 -2.40
C ILE A 215 2.53 -10.16 -2.77
N ASN A 216 3.25 -9.31 -3.50
CA ASN A 216 4.62 -9.62 -3.92
C ASN A 216 5.49 -10.06 -2.74
N PHE A 217 5.32 -9.40 -1.60
CA PHE A 217 6.07 -9.74 -0.41
C PHE A 217 5.66 -11.13 0.04
N LEU A 218 4.36 -11.30 0.20
CA LEU A 218 3.76 -12.56 0.65
C LEU A 218 4.20 -13.76 -0.17
N LEU A 219 4.35 -13.56 -1.48
CA LEU A 219 4.77 -14.62 -2.38
C LEU A 219 6.21 -15.08 -2.23
N ASP A 220 6.94 -14.45 -1.30
CA ASP A 220 8.33 -14.86 -1.07
C ASP A 220 8.34 -16.04 -0.11
N CYS A 221 7.15 -16.49 0.27
CA CYS A 221 7.00 -17.62 1.19
C CYS A 221 6.54 -18.80 0.35
N PRO A 222 7.39 -19.84 0.22
CA PRO A 222 7.11 -21.04 -0.56
C PRO A 222 5.70 -21.61 -0.35
N VAL A 223 5.24 -21.75 0.89
CA VAL A 223 3.90 -22.27 1.09
C VAL A 223 2.87 -21.28 0.56
N MSE A 224 3.12 -19.99 0.75
CA MSE A 224 2.20 -18.96 0.25
C MSE A 224 2.08 -19.03 -1.27
O MSE A 224 0.99 -19.12 -1.81
CB MSE A 224 2.68 -17.57 0.68
CG MSE A 224 1.66 -16.46 0.44
SE MSE A 224 -0.06 -16.73 1.30
CE MSE A 224 -1.08 -17.36 -0.23
N LEU A 225 3.22 -18.97 -1.97
CA LEU A 225 3.22 -19.04 -3.42
C LEU A 225 2.61 -20.36 -3.86
N ALA A 226 2.82 -21.39 -3.04
CA ALA A 226 2.29 -22.71 -3.31
C ALA A 226 0.77 -22.65 -3.42
N TYR A 227 0.13 -22.11 -2.40
CA TYR A 227 -1.32 -21.98 -2.41
C TYR A 227 -1.85 -21.02 -3.49
N ALA A 228 -1.25 -19.85 -3.60
CA ALA A 228 -1.67 -18.85 -4.58
C ALA A 228 -1.55 -19.25 -6.04
N GLU A 229 -0.41 -19.84 -6.40
CA GLU A 229 -0.17 -20.22 -7.78
C GLU A 229 -1.17 -21.23 -8.33
N ILE A 230 -1.80 -22.00 -7.46
CA ILE A 230 -2.76 -22.98 -7.93
C ILE A 230 -4.13 -22.37 -8.21
N HIS A 231 -4.37 -21.22 -7.62
CA HIS A 231 -5.63 -20.52 -7.80
C HIS A 231 -5.51 -19.59 -8.97
N GLU A 232 -5.38 -20.18 -10.15
CA GLU A 232 -5.20 -19.44 -11.40
C GLU A 232 -6.26 -18.39 -11.70
N PHE A 233 -7.50 -18.67 -11.35
CA PHE A 233 -8.60 -17.73 -11.61
C PHE A 233 -8.46 -16.48 -10.75
N GLU A 234 -8.28 -16.66 -9.46
CA GLU A 234 -8.16 -15.56 -8.54
C GLU A 234 -6.85 -14.80 -8.74
N TYR A 235 -5.77 -15.52 -8.92
CA TYR A 235 -4.48 -14.89 -9.08
C TYR A 235 -3.81 -15.43 -10.32
N GLY A 236 -2.70 -14.81 -10.73
CA GLY A 236 -2.05 -15.31 -11.92
C GLY A 236 -1.89 -14.24 -12.97
N GLU A 237 -2.95 -13.94 -13.71
CA GLU A 237 -2.85 -12.90 -14.72
C GLU A 237 -2.48 -11.60 -13.99
N LYS A 238 -3.03 -11.44 -12.80
CA LYS A 238 -2.81 -10.25 -11.99
C LYS A 238 -1.57 -10.30 -11.08
N TYR A 239 -1.34 -11.42 -10.40
CA TYR A 239 -0.22 -11.48 -9.49
C TYR A 239 0.82 -12.55 -9.78
N VAL A 240 0.46 -13.81 -9.56
CA VAL A 240 1.37 -14.92 -9.78
C VAL A 240 2.19 -14.83 -11.05
N ASN A 241 1.55 -14.89 -12.23
CA ASN A 241 2.30 -14.84 -13.48
C ASN A 241 3.38 -13.74 -13.58
N PRO A 242 3.02 -12.48 -13.32
CA PRO A 242 4.00 -11.38 -13.39
C PRO A 242 5.16 -11.59 -12.40
N PHE A 243 4.83 -12.19 -11.26
CA PHE A 243 5.80 -12.49 -10.21
C PHE A 243 6.78 -13.57 -10.65
N ILE A 244 6.27 -14.61 -11.29
CA ILE A 244 7.09 -15.73 -11.78
C ILE A 244 7.97 -15.24 -12.92
N ALA A 245 7.40 -14.46 -13.82
CA ALA A 245 8.17 -13.96 -14.94
C ALA A 245 9.25 -13.05 -14.43
N ARG A 246 8.94 -12.32 -13.36
CA ARG A 246 9.88 -11.36 -12.82
C ARG A 246 11.01 -12.05 -12.04
N HIS A 247 10.77 -13.25 -11.54
CA HIS A 247 11.77 -13.99 -10.80
C HIS A 247 12.59 -14.94 -11.66
N VAL A 248 11.99 -15.46 -12.73
CA VAL A 248 12.72 -16.37 -13.60
C VAL A 248 13.80 -15.58 -14.31
N ASN A 249 13.49 -14.32 -14.60
CA ASN A 249 14.43 -13.46 -15.29
C ASN A 249 15.51 -12.95 -14.36
N ARG A 250 15.18 -12.78 -13.09
CA ARG A 250 16.17 -12.31 -12.11
C ARG A 250 17.22 -13.41 -11.93
N LEU A 251 16.79 -14.67 -11.98
CA LEU A 251 17.71 -15.79 -11.82
C LEU A 251 18.64 -15.92 -13.01
N LYS A 252 18.14 -15.60 -14.21
CA LYS A 252 18.95 -15.67 -15.41
C LYS A 252 20.01 -14.56 -15.40
N GLU A 253 19.93 -13.67 -14.41
CA GLU A 253 20.84 -12.55 -14.25
C GLU A 253 21.69 -12.63 -12.98
N MSE A 254 22.12 -13.84 -12.64
CA MSE A 254 22.94 -14.05 -11.47
C MSE A 254 23.68 -15.28 -11.91
O MSE A 254 24.83 -15.55 -11.51
CB MSE A 254 22.07 -14.41 -10.25
CG MSE A 254 21.21 -13.27 -9.71
SE MSE A 254 19.93 -13.88 -8.38
CE MSE A 254 20.77 -13.15 -6.79
N HIS A 255 23.01 -16.03 -12.78
CA HIS A 255 23.54 -17.23 -13.36
C HIS A 255 24.50 -16.81 -14.45
N ASP A 256 24.05 -15.92 -15.32
CA ASP A 256 24.91 -15.45 -16.38
C ASP A 256 26.00 -14.61 -15.74
N ALA A 257 25.65 -14.01 -14.61
CA ALA A 257 26.58 -13.17 -13.86
C ALA A 257 27.26 -14.01 -12.78
N PHE A 258 27.80 -15.14 -13.22
CA PHE A 258 28.51 -16.09 -12.38
C PHE A 258 29.37 -16.84 -13.39
N LYS A 259 28.74 -17.13 -14.53
CA LYS A 259 29.37 -17.81 -15.65
C LYS A 259 30.06 -16.66 -16.39
N LEU A 260 30.45 -15.67 -15.61
CA LEU A 260 31.11 -14.47 -16.10
C LEU A 260 32.25 -14.24 -15.14
N SER A 261 31.92 -14.24 -13.85
CA SER A 261 32.89 -14.00 -12.80
C SER A 261 33.54 -15.28 -12.27
N ASN A 262 32.83 -16.40 -12.40
CA ASN A 262 33.30 -17.71 -11.94
C ASN A 262 33.14 -18.75 -13.06
N PRO A 263 33.68 -18.46 -14.27
CA PRO A 263 33.60 -19.36 -15.42
C PRO A 263 33.73 -20.86 -15.14
N ASP A 264 32.70 -21.60 -15.55
CA ASP A 264 32.63 -23.05 -15.39
C ASP A 264 32.76 -23.56 -13.93
N GLY A 265 31.74 -23.24 -13.13
CA GLY A 265 31.72 -23.64 -11.72
C GLY A 265 30.44 -24.26 -11.21
N VAL A 266 29.55 -23.45 -10.67
CA VAL A 266 28.29 -23.95 -10.11
C VAL A 266 27.13 -23.05 -10.58
N PHE A 267 25.90 -23.57 -10.49
CA PHE A 267 24.66 -22.83 -10.80
C PHE A 267 23.71 -23.12 -9.64
N ASP A 268 23.90 -22.42 -8.53
CA ASP A 268 23.13 -22.63 -7.29
C ASP A 268 22.39 -21.49 -6.59
N LEU A 269 21.55 -21.91 -5.65
CA LEU A 269 20.79 -21.02 -4.79
C LEU A 269 21.37 -21.38 -3.43
N VAL A 270 21.84 -20.37 -2.73
CA VAL A 270 22.42 -20.57 -1.42
C VAL A 270 21.55 -21.34 -0.42
N THR A 271 20.46 -20.70 0.01
CA THR A 271 19.55 -21.27 1.01
C THR A 271 18.31 -22.04 0.57
N LYS A 272 17.94 -22.99 1.42
CA LYS A 272 16.80 -23.88 1.27
C LYS A 272 15.52 -23.19 0.82
N SER A 273 15.33 -21.96 1.29
CA SER A 273 14.13 -21.18 0.98
C SER A 273 13.97 -20.77 -0.47
N GLU A 274 15.06 -20.30 -1.07
CA GLU A 274 15.02 -19.87 -2.46
C GLU A 274 14.80 -21.11 -3.32
N CYS A 275 15.26 -22.24 -2.82
CA CYS A 275 15.13 -23.49 -3.56
C CYS A 275 13.71 -23.99 -3.65
N LEU A 276 13.00 -23.95 -2.53
CA LEU A 276 11.61 -24.42 -2.51
C LEU A 276 10.76 -23.58 -3.43
N GLN A 277 11.08 -22.28 -3.47
CA GLN A 277 10.35 -21.33 -4.31
C GLN A 277 10.44 -21.74 -5.76
N GLY A 278 11.63 -22.16 -6.19
CA GLY A 278 11.84 -22.58 -7.56
C GLY A 278 10.98 -23.77 -7.93
N PHE A 279 10.80 -24.66 -6.96
CA PHE A 279 10.00 -25.87 -7.13
C PHE A 279 8.58 -25.48 -7.53
N TYR A 280 7.88 -24.76 -6.65
CA TYR A 280 6.51 -24.31 -6.89
C TYR A 280 6.43 -23.36 -8.09
N MSE A 281 7.52 -22.64 -8.33
CA MSE A 281 7.61 -21.71 -9.44
C MSE A 281 7.56 -22.59 -10.68
O MSE A 281 6.89 -22.27 -11.66
CB MSE A 281 8.94 -20.95 -9.36
CG MSE A 281 8.95 -19.58 -10.04
SE MSE A 281 10.17 -18.29 -9.20
CE MSE A 281 9.09 -17.92 -7.64
N LEU A 282 8.24 -23.71 -10.61
CA LEU A 282 8.29 -24.66 -11.71
C LEU A 282 6.95 -25.38 -11.86
N ARG A 283 6.32 -25.66 -10.72
CA ARG A 283 5.03 -26.34 -10.70
C ARG A 283 3.99 -25.53 -11.43
N ASN A 284 4.01 -24.22 -11.19
CA ASN A 284 3.06 -23.31 -11.83
C ASN A 284 3.27 -23.29 -13.33
N LEU A 285 4.53 -23.16 -13.74
CA LEU A 285 4.87 -23.14 -15.17
C LEU A 285 4.31 -24.40 -15.85
N ILE A 286 4.43 -25.54 -15.16
CA ILE A 286 3.90 -26.77 -15.72
C ILE A 286 2.38 -26.77 -15.62
N ARG A 287 1.84 -26.34 -14.48
CA ARG A 287 0.40 -26.26 -14.27
C ARG A 287 -0.29 -25.48 -15.39
N ARG A 288 0.41 -24.49 -15.94
CA ARG A 288 -0.14 -23.67 -17.00
C ARG A 288 -0.12 -24.39 -18.35
N ASN A 289 0.77 -25.36 -18.47
CA ASN A 289 0.86 -26.16 -19.69
C ASN A 289 0.95 -25.28 -20.94
N ASP A 290 2.15 -24.85 -21.28
CA ASP A 290 2.32 -24.00 -22.46
C ASP A 290 3.68 -24.20 -23.14
N GLU A 291 3.70 -24.05 -24.46
CA GLU A 291 4.95 -24.20 -25.22
C GLU A 291 5.95 -23.13 -24.83
N VAL A 292 5.50 -21.87 -24.88
CA VAL A 292 6.36 -20.74 -24.56
C VAL A 292 6.99 -20.75 -23.18
N LEU A 293 6.50 -21.62 -22.29
CA LEU A 293 7.05 -21.68 -20.93
C LEU A 293 8.08 -22.79 -20.76
N LEU A 294 8.30 -23.57 -21.83
CA LEU A 294 9.25 -24.67 -21.82
C LEU A 294 10.66 -24.24 -21.45
N ASP A 295 11.06 -23.07 -21.93
CA ASP A 295 12.41 -22.53 -21.70
C ASP A 295 12.71 -22.19 -20.25
N ASP A 296 11.69 -21.70 -19.54
CA ASP A 296 11.84 -21.33 -18.14
C ASP A 296 11.87 -22.58 -17.26
N ILE A 297 11.21 -23.64 -17.73
CA ILE A 297 11.19 -24.90 -17.02
C ILE A 297 12.61 -25.52 -17.06
N ARG A 298 13.17 -25.68 -18.26
CA ARG A 298 14.52 -26.25 -18.41
C ARG A 298 15.53 -25.50 -17.54
N PHE A 299 15.46 -24.17 -17.58
CA PHE A 299 16.34 -23.28 -16.85
C PHE A 299 16.24 -23.45 -15.32
N LEU A 300 15.04 -23.77 -14.83
CA LEU A 300 14.87 -23.96 -13.40
C LEU A 300 15.41 -25.30 -12.95
N LEU A 301 15.26 -26.31 -13.80
CA LEU A 301 15.75 -27.64 -13.49
C LEU A 301 17.27 -27.73 -13.55
N SER A 302 17.89 -26.74 -14.16
CA SER A 302 19.34 -26.69 -14.29
C SER A 302 20.01 -26.32 -12.97
N ILE A 303 19.22 -26.02 -11.95
CA ILE A 303 19.79 -25.65 -10.68
C ILE A 303 19.73 -26.80 -9.69
N PRO A 304 20.88 -27.17 -9.12
CA PRO A 304 20.98 -28.26 -8.15
C PRO A 304 20.19 -27.96 -6.88
N GLY A 305 19.66 -26.75 -6.77
CA GLY A 305 18.88 -26.39 -5.61
C GLY A 305 17.41 -26.59 -5.92
N ILE A 306 17.13 -26.99 -7.16
CA ILE A 306 15.78 -27.24 -7.65
C ILE A 306 15.71 -28.63 -8.26
N LYS A 307 16.74 -29.01 -8.99
CA LYS A 307 16.78 -30.32 -9.63
C LYS A 307 16.76 -31.40 -8.55
N ALA A 308 17.41 -31.14 -7.43
CA ALA A 308 17.47 -32.07 -6.31
C ALA A 308 16.26 -31.91 -5.42
N LEU A 309 15.17 -31.46 -6.04
CA LEU A 309 13.90 -31.22 -5.36
C LEU A 309 12.76 -31.56 -6.35
N ALA A 310 13.11 -32.19 -7.47
CA ALA A 310 12.14 -32.57 -8.50
C ALA A 310 11.35 -33.84 -8.17
N PRO A 311 12.01 -34.82 -7.53
CA PRO A 311 11.28 -36.05 -7.21
C PRO A 311 10.42 -35.94 -5.95
N THR A 312 10.63 -34.88 -5.18
CA THR A 312 9.87 -34.71 -3.94
C THR A 312 8.39 -34.38 -4.19
N ALA A 313 7.67 -34.13 -3.10
CA ALA A 313 6.24 -33.79 -3.14
C ALA A 313 5.84 -33.01 -1.91
N THR A 314 4.85 -32.13 -2.08
CA THR A 314 4.35 -31.30 -0.99
C THR A 314 3.69 -32.13 0.10
N ILE A 315 2.96 -33.16 -0.35
CA ILE A 315 2.24 -34.09 0.53
C ILE A 315 3.18 -35.21 0.98
N PRO A 316 3.54 -35.21 2.28
CA PRO A 316 4.44 -36.25 2.76
C PRO A 316 3.86 -37.66 2.53
N GLY A 317 4.73 -38.56 2.07
CA GLY A 317 4.30 -39.92 1.77
C GLY A 317 4.20 -40.12 0.26
N ASP A 318 3.93 -39.04 -0.47
CA ASP A 318 3.82 -39.12 -1.93
C ASP A 318 5.21 -38.92 -2.52
N ALA A 319 5.34 -39.11 -3.82
CA ALA A 319 6.62 -38.96 -4.51
C ALA A 319 6.53 -37.97 -5.68
N ASN A 320 7.06 -38.36 -6.83
CA ASN A 320 7.06 -37.51 -8.02
C ASN A 320 5.78 -36.70 -8.24
N GLU A 321 5.76 -35.47 -7.76
CA GLU A 321 4.58 -34.61 -7.94
C GLU A 321 4.56 -33.93 -9.31
N LEU A 322 5.67 -33.28 -9.66
CA LEU A 322 5.78 -32.58 -10.94
C LEU A 322 5.51 -33.51 -12.13
N LEU A 323 6.13 -34.68 -12.10
CA LEU A 323 5.93 -35.66 -13.16
C LEU A 323 4.46 -36.07 -13.24
N ARG A 324 3.84 -36.24 -12.07
CA ARG A 324 2.44 -36.62 -11.99
C ARG A 324 1.58 -35.48 -12.55
N LEU A 325 1.90 -34.25 -12.15
CA LEU A 325 1.17 -33.08 -12.60
C LEU A 325 1.27 -32.93 -14.11
N ALA A 326 2.45 -33.21 -14.65
CA ALA A 326 2.70 -33.10 -16.08
C ALA A 326 1.79 -34.03 -16.89
N LEU A 327 1.79 -35.31 -16.52
CA LEU A 327 0.95 -36.31 -17.19
C LEU A 327 -0.51 -36.01 -16.97
N ARG A 328 -0.82 -35.59 -15.74
CA ARG A 328 -2.20 -35.26 -15.37
C ARG A 328 -2.80 -34.23 -16.33
N LEU A 329 -2.01 -33.21 -16.68
CA LEU A 329 -2.48 -32.16 -17.59
C LEU A 329 -2.21 -32.51 -19.05
N GLY A 330 -1.19 -33.35 -19.27
CA GLY A 330 -0.82 -33.74 -20.62
C GLY A 330 0.26 -32.81 -21.13
N ASN A 331 1.10 -32.35 -20.20
CA ASN A 331 2.19 -31.42 -20.48
C ASN A 331 3.42 -32.12 -21.03
N GLN A 332 3.26 -32.73 -22.20
CA GLN A 332 4.37 -33.42 -22.85
C GLN A 332 5.47 -32.38 -23.11
N GLY A 333 6.71 -32.75 -22.81
CA GLY A 333 7.80 -31.82 -22.99
C GLY A 333 8.31 -31.47 -21.62
N ALA A 334 7.37 -31.42 -20.68
CA ALA A 334 7.70 -31.13 -19.29
C ALA A 334 8.04 -32.48 -18.69
N CYS A 335 7.40 -33.50 -19.25
CA CYS A 335 7.60 -34.87 -18.81
C CYS A 335 9.02 -35.29 -19.22
N ALA A 336 9.28 -35.19 -20.52
CA ALA A 336 10.58 -35.55 -21.08
C ALA A 336 11.69 -34.84 -20.35
N LEU A 337 11.43 -33.58 -20.00
CA LEU A 337 12.42 -32.76 -19.30
C LEU A 337 12.62 -33.26 -17.89
N LEU A 338 11.57 -33.82 -17.31
CA LEU A 338 11.65 -34.33 -15.93
C LEU A 338 12.31 -35.70 -15.84
N LEU A 339 11.85 -36.66 -16.63
CA LEU A 339 12.42 -38.01 -16.58
C LEU A 339 13.92 -38.04 -16.90
N SER A 340 14.44 -36.87 -17.25
CA SER A 340 15.84 -36.74 -17.58
C SER A 340 16.68 -36.67 -16.30
N ILE A 341 16.01 -36.51 -15.17
CA ILE A 341 16.70 -36.44 -13.89
C ILE A 341 16.82 -37.86 -13.35
N PRO A 342 18.03 -38.29 -12.97
CA PRO A 342 18.21 -39.64 -12.44
C PRO A 342 17.28 -39.97 -11.28
N SER A 343 17.21 -39.08 -10.29
CA SER A 343 16.34 -39.29 -9.13
C SER A 343 14.91 -39.57 -9.58
N VAL A 344 14.45 -38.77 -10.54
CA VAL A 344 13.09 -38.89 -11.10
C VAL A 344 13.04 -40.06 -12.10
N LEU A 345 14.21 -40.54 -12.49
CA LEU A 345 14.29 -41.67 -13.44
C LEU A 345 14.21 -42.98 -12.68
N ALA A 346 14.66 -42.95 -11.43
CA ALA A 346 14.66 -44.10 -10.54
C ALA A 346 13.24 -44.41 -10.06
N LEU A 347 12.65 -43.49 -9.29
CA LEU A 347 11.29 -43.66 -8.75
C LEU A 347 10.21 -43.90 -9.81
N THR A 348 10.54 -43.60 -11.07
CA THR A 348 9.59 -43.80 -12.15
C THR A 348 9.04 -45.23 -12.05
N LYS A 349 7.77 -45.40 -12.42
CA LYS A 349 7.07 -46.69 -12.38
C LYS A 349 7.89 -47.84 -12.95
N CYS B 2 -35.91 -7.14 -18.39
CA CYS B 2 -35.29 -7.62 -17.11
C CYS B 2 -33.87 -7.15 -16.79
N ASN B 3 -33.69 -6.71 -15.54
CA ASN B 3 -32.40 -6.24 -15.05
C ASN B 3 -32.20 -6.72 -13.62
N LEU B 4 -30.95 -6.74 -13.17
CA LEU B 4 -30.63 -7.14 -11.80
C LEU B 4 -29.75 -6.10 -11.13
N THR B 5 -30.27 -5.49 -10.07
CA THR B 5 -29.52 -4.46 -9.31
C THR B 5 -29.20 -4.94 -7.90
N ILE B 6 -27.92 -5.00 -7.58
CA ILE B 6 -27.46 -5.44 -6.27
C ILE B 6 -26.54 -4.40 -5.60
N HIS B 7 -26.83 -4.09 -4.33
CA HIS B 7 -26.07 -3.13 -3.54
C HIS B 7 -25.54 -3.78 -2.27
N ASN B 8 -25.98 -5.01 -2.00
CA ASN B 8 -25.55 -5.72 -0.82
C ASN B 8 -24.66 -6.92 -1.18
N ILE B 9 -23.38 -6.80 -0.86
CA ILE B 9 -22.42 -7.84 -1.13
C ILE B 9 -22.97 -9.22 -0.81
N GLU B 10 -23.76 -9.33 0.25
CA GLU B 10 -24.33 -10.62 0.64
C GLU B 10 -25.16 -11.24 -0.50
N ASN B 11 -25.95 -10.41 -1.18
CA ASN B 11 -26.76 -10.89 -2.29
C ASN B 11 -25.86 -11.23 -3.49
N TYR B 12 -24.83 -10.41 -3.68
CA TYR B 12 -23.85 -10.60 -4.73
C TYR B 12 -23.28 -12.02 -4.73
N GLU B 13 -22.72 -12.45 -3.60
CA GLU B 13 -22.13 -13.78 -3.49
C GLU B 13 -23.14 -14.91 -3.75
N ASN B 14 -24.41 -14.62 -3.49
CA ASN B 14 -25.49 -15.58 -3.69
C ASN B 14 -25.80 -15.86 -5.16
N ASP B 15 -25.03 -15.25 -6.07
CA ASP B 15 -25.24 -15.48 -7.51
C ASP B 15 -24.02 -16.23 -8.09
N PRO B 16 -24.25 -17.45 -8.60
CA PRO B 16 -23.20 -18.29 -9.17
C PRO B 16 -22.26 -17.60 -10.16
N GLN B 17 -22.80 -16.83 -11.11
CA GLN B 17 -21.97 -16.16 -12.10
C GLN B 17 -21.50 -14.77 -11.73
N LEU B 18 -22.38 -14.00 -11.10
CA LEU B 18 -22.07 -12.63 -10.71
C LEU B 18 -20.89 -12.54 -9.75
N ARG B 19 -20.77 -13.50 -8.85
CA ARG B 19 -19.65 -13.46 -7.91
C ARG B 19 -18.30 -13.63 -8.59
N LEU B 20 -18.28 -14.04 -9.85
CA LEU B 20 -17.01 -14.21 -10.54
C LEU B 20 -16.38 -12.88 -10.95
N ILE B 21 -17.09 -11.78 -10.75
CA ILE B 21 -16.59 -10.48 -11.10
C ILE B 21 -16.19 -9.69 -9.87
N PRO B 22 -15.03 -9.02 -9.92
CA PRO B 22 -14.54 -8.22 -8.79
C PRO B 22 -15.54 -7.19 -8.26
N TRP B 23 -15.88 -7.28 -6.99
CA TRP B 23 -16.80 -6.33 -6.38
C TRP B 23 -16.53 -4.87 -6.75
N ILE B 24 -15.26 -4.45 -6.78
CA ILE B 24 -14.96 -3.06 -7.16
C ILE B 24 -15.49 -2.78 -8.56
N LEU B 25 -15.17 -3.70 -9.48
CA LEU B 25 -15.59 -3.60 -10.87
C LEU B 25 -17.13 -3.50 -10.97
N TRP B 26 -17.81 -4.22 -10.11
CA TRP B 26 -19.27 -4.22 -10.06
C TRP B 26 -19.81 -2.91 -9.51
N GLU B 27 -19.08 -2.27 -8.60
CA GLU B 27 -19.58 -1.02 -8.04
C GLU B 27 -19.31 0.19 -8.92
N ASN B 28 -18.12 0.24 -9.48
CA ASN B 28 -17.76 1.38 -10.31
C ASN B 28 -18.07 1.26 -11.77
N LEU B 29 -17.66 0.15 -12.38
CA LEU B 29 -17.91 -0.05 -13.80
C LEU B 29 -19.35 -0.44 -14.15
N PHE B 30 -19.84 -1.55 -13.59
CA PHE B 30 -21.20 -2.01 -13.89
C PHE B 30 -22.29 -1.20 -13.23
N GLN B 31 -21.91 -0.35 -12.29
CA GLN B 31 -22.87 0.48 -11.56
C GLN B 31 -23.98 -0.29 -10.88
N HIS B 32 -23.62 -1.40 -10.22
CA HIS B 32 -24.56 -2.21 -9.45
C HIS B 32 -25.71 -2.88 -10.21
N PHE B 33 -25.62 -2.99 -11.53
CA PHE B 33 -26.74 -3.60 -12.26
C PHE B 33 -26.29 -4.37 -13.49
N ILE B 34 -27.04 -5.41 -13.83
CA ILE B 34 -26.73 -6.21 -15.01
C ILE B 34 -28.01 -6.62 -15.75
N SER B 35 -27.95 -6.77 -17.07
CA SER B 35 -29.13 -7.14 -17.84
C SER B 35 -29.22 -8.67 -17.98
N ALA B 36 -30.42 -9.18 -18.27
CA ALA B 36 -30.58 -10.63 -18.40
C ALA B 36 -29.74 -11.10 -19.56
N ASN B 37 -29.76 -10.32 -20.62
CA ASN B 37 -28.99 -10.65 -21.79
C ASN B 37 -27.50 -10.72 -21.44
N GLU B 38 -27.05 -9.83 -20.56
CA GLU B 38 -25.64 -9.83 -20.15
C GLU B 38 -25.35 -11.05 -19.26
N LEU B 39 -26.28 -11.39 -18.37
CA LEU B 39 -26.11 -12.56 -17.50
C LEU B 39 -26.08 -13.79 -18.39
N SER B 40 -26.81 -13.74 -19.50
CA SER B 40 -26.83 -14.84 -20.42
C SER B 40 -25.44 -15.14 -20.97
N LEU B 41 -24.62 -14.11 -21.12
CA LEU B 41 -23.27 -14.32 -21.64
C LEU B 41 -22.44 -15.12 -20.67
N MSE B 42 -22.84 -15.08 -19.39
CA MSE B 42 -22.10 -15.76 -18.35
C MSE B 42 -22.70 -17.11 -18.01
O MSE B 42 -21.99 -18.07 -17.74
CB MSE B 42 -22.07 -14.89 -17.10
CG MSE B 42 -21.59 -13.47 -17.33
SE MSE B 42 -21.28 -12.54 -15.65
CE MSE B 42 -23.07 -12.10 -15.25
N THR B 43 -24.04 -17.17 -18.01
CA THR B 43 -24.79 -18.36 -17.66
C THR B 43 -24.78 -19.49 -18.71
N LEU B 44 -24.78 -19.12 -19.98
CA LEU B 44 -24.77 -20.09 -21.07
C LEU B 44 -23.38 -20.70 -21.21
N SER B 45 -23.23 -21.74 -22.00
CA SER B 45 -21.91 -22.29 -22.19
C SER B 45 -21.19 -21.29 -23.09
N TYR B 46 -19.86 -21.31 -23.08
CA TYR B 46 -19.08 -20.39 -23.91
C TYR B 46 -19.52 -20.47 -25.38
N LYS B 47 -19.75 -21.69 -25.85
CA LYS B 47 -20.16 -21.92 -27.22
C LYS B 47 -21.49 -21.23 -27.52
N GLU B 48 -22.45 -21.35 -26.62
CA GLU B 48 -23.74 -20.71 -26.85
C GLU B 48 -23.61 -19.19 -26.68
N ALA B 49 -22.87 -18.76 -25.67
CA ALA B 49 -22.67 -17.32 -25.43
C ALA B 49 -22.12 -16.62 -26.65
N ILE B 50 -21.00 -17.11 -27.17
CA ILE B 50 -20.38 -16.51 -28.35
C ILE B 50 -21.36 -16.51 -29.52
N HIS B 51 -22.19 -17.54 -29.58
CA HIS B 51 -23.17 -17.68 -30.64
C HIS B 51 -24.22 -16.57 -30.68
N ILE B 52 -24.99 -16.43 -29.61
CA ILE B 52 -26.04 -15.42 -29.52
C ILE B 52 -25.53 -14.05 -29.06
N PHE B 53 -24.21 -13.93 -29.02
CA PHE B 53 -23.54 -12.70 -28.60
C PHE B 53 -23.53 -11.64 -29.68
N LEU B 54 -24.16 -10.52 -29.36
CA LEU B 54 -24.23 -9.41 -30.29
C LEU B 54 -23.70 -8.18 -29.55
N PRO B 55 -22.42 -7.83 -29.81
CA PRO B 55 -21.78 -6.68 -29.16
C PRO B 55 -22.53 -5.35 -29.25
N GLY B 56 -22.50 -4.60 -28.16
CA GLY B 56 -23.17 -3.33 -28.12
C GLY B 56 -22.58 -2.38 -29.13
N THR B 57 -23.18 -1.20 -29.25
CA THR B 57 -22.69 -0.22 -30.19
C THR B 57 -21.68 0.72 -29.55
N LYS B 58 -21.89 1.04 -28.27
CA LYS B 58 -20.98 1.96 -27.56
C LYS B 58 -19.85 1.20 -26.85
N ASN B 59 -18.90 1.93 -26.29
CA ASN B 59 -17.78 1.31 -25.59
C ASN B 59 -18.23 0.68 -24.27
N MSE B 60 -18.81 1.48 -23.38
CA MSE B 60 -19.26 0.97 -22.09
C MSE B 60 -19.99 -0.35 -22.21
O MSE B 60 -19.83 -1.26 -21.38
CB MSE B 60 -20.19 1.97 -21.40
CG MSE B 60 -19.57 2.60 -20.17
SE MSE B 60 -18.68 1.30 -19.07
CE MSE B 60 -16.86 1.51 -19.68
N GLU B 61 -20.81 -0.45 -23.24
CA GLU B 61 -21.54 -1.67 -23.47
C GLU B 61 -20.57 -2.78 -23.81
N GLN B 62 -19.75 -2.55 -24.82
CA GLN B 62 -18.78 -3.57 -25.21
C GLN B 62 -17.92 -4.06 -24.06
N VAL B 63 -17.54 -3.12 -23.19
CA VAL B 63 -16.69 -3.39 -22.03
C VAL B 63 -17.43 -4.30 -21.05
N ARG B 64 -18.64 -3.93 -20.67
CA ARG B 64 -19.40 -4.77 -19.76
C ARG B 64 -19.42 -6.19 -20.30
N GLN B 65 -19.79 -6.32 -21.57
CA GLN B 65 -19.84 -7.62 -22.21
C GLN B 65 -18.53 -8.44 -22.13
N LEU B 66 -17.42 -7.87 -22.59
CA LEU B 66 -16.15 -8.57 -22.61
C LEU B 66 -15.73 -9.08 -21.23
N LEU B 67 -15.98 -8.27 -20.21
CA LEU B 67 -15.63 -8.65 -18.85
C LEU B 67 -16.55 -9.77 -18.41
N CYS B 68 -17.85 -9.60 -18.66
CA CYS B 68 -18.80 -10.63 -18.31
C CYS B 68 -18.34 -11.93 -18.94
N LEU B 69 -17.98 -11.91 -20.22
CA LEU B 69 -17.50 -13.12 -20.86
C LEU B 69 -16.20 -13.55 -20.18
N TYR B 70 -15.21 -12.68 -20.22
CA TYR B 70 -13.92 -12.98 -19.61
C TYR B 70 -14.03 -13.72 -18.26
N TYR B 71 -14.66 -13.07 -17.27
CA TYR B 71 -14.81 -13.64 -15.93
C TYR B 71 -15.64 -14.94 -15.83
N ALA B 72 -16.43 -15.22 -16.86
CA ALA B 72 -17.27 -16.42 -16.83
C ALA B 72 -16.72 -17.56 -17.66
N HIS B 73 -15.87 -17.28 -18.62
CA HIS B 73 -15.39 -18.33 -19.48
C HIS B 73 -13.88 -18.47 -19.69
N TYR B 74 -13.13 -17.40 -19.49
CA TYR B 74 -11.69 -17.43 -19.72
C TYR B 74 -10.97 -18.54 -18.96
N ASN B 75 -11.55 -18.98 -17.85
CA ASN B 75 -10.95 -20.04 -17.06
C ASN B 75 -11.17 -21.41 -17.75
N ARG B 76 -12.40 -21.64 -18.22
CA ARG B 76 -12.76 -22.89 -18.89
C ARG B 76 -12.04 -23.04 -20.24
N ASN B 77 -10.75 -23.33 -20.16
CA ASN B 77 -9.87 -23.54 -21.32
C ASN B 77 -10.30 -22.73 -22.54
N ALA B 78 -10.78 -21.50 -22.30
CA ALA B 78 -11.21 -20.64 -23.39
C ALA B 78 -10.25 -19.45 -23.51
N LYS B 79 -9.09 -19.69 -24.10
CA LYS B 79 -8.09 -18.65 -24.31
C LYS B 79 -8.11 -18.27 -25.78
N GLN B 80 -9.29 -18.37 -26.37
CA GLN B 80 -9.50 -18.01 -27.77
C GLN B 80 -10.65 -17.01 -27.76
N LEU B 81 -10.91 -16.48 -26.58
CA LEU B 81 -11.97 -15.51 -26.33
C LEU B 81 -11.83 -14.17 -27.06
N TRP B 82 -10.60 -13.66 -27.04
CA TRP B 82 -10.27 -12.38 -27.67
C TRP B 82 -10.50 -12.46 -29.18
N SER B 83 -10.11 -13.59 -29.75
CA SER B 83 -10.27 -13.81 -31.19
C SER B 83 -11.74 -13.76 -31.53
N ASP B 84 -12.53 -14.60 -30.86
CA ASP B 84 -13.97 -14.66 -31.09
C ASP B 84 -14.64 -13.31 -30.86
N ALA B 85 -14.18 -12.59 -29.83
CA ALA B 85 -14.74 -11.28 -29.52
C ALA B 85 -14.49 -10.29 -30.65
N HIS B 86 -13.27 -10.32 -31.19
CA HIS B 86 -12.91 -9.44 -32.28
C HIS B 86 -13.64 -9.85 -33.57
N LYS B 87 -13.95 -11.14 -33.68
CA LYS B 87 -14.66 -11.66 -34.84
C LYS B 87 -16.12 -11.23 -34.84
N LYS B 88 -16.72 -11.14 -33.65
CA LYS B 88 -18.13 -10.74 -33.54
C LYS B 88 -18.39 -9.25 -33.69
N GLY B 89 -17.36 -8.42 -33.55
CA GLY B 89 -17.56 -6.99 -33.71
C GLY B 89 -17.11 -6.10 -32.56
N ILE B 90 -16.36 -6.66 -31.62
CA ILE B 90 -15.88 -5.87 -30.50
C ILE B 90 -14.73 -4.97 -30.94
N LYS B 91 -14.80 -3.68 -30.62
CA LYS B 91 -13.73 -2.76 -30.98
C LYS B 91 -12.37 -3.22 -30.46
N SER B 92 -11.31 -2.96 -31.23
CA SER B 92 -9.94 -3.35 -30.84
C SER B 92 -9.54 -2.64 -29.54
N GLU B 93 -10.02 -1.43 -29.34
CA GLU B 93 -9.71 -0.67 -28.14
C GLU B 93 -10.40 -1.24 -26.89
N VAL B 94 -11.59 -1.81 -27.07
CA VAL B 94 -12.34 -2.41 -25.98
C VAL B 94 -11.61 -3.62 -25.44
N ILE B 95 -10.96 -4.37 -26.32
CA ILE B 95 -10.20 -5.55 -25.93
C ILE B 95 -8.96 -5.07 -25.18
N CYS B 96 -8.47 -3.90 -25.56
CA CYS B 96 -7.30 -3.34 -24.92
C CYS B 96 -7.65 -2.79 -23.53
N PHE B 97 -8.84 -2.21 -23.38
CA PHE B 97 -9.29 -1.67 -22.09
C PHE B 97 -9.40 -2.85 -21.14
N VAL B 98 -9.98 -3.92 -21.64
CA VAL B 98 -10.15 -5.11 -20.83
C VAL B 98 -8.81 -5.74 -20.50
N ALA B 99 -7.78 -5.40 -21.25
CA ALA B 99 -6.49 -6.00 -20.94
C ALA B 99 -5.89 -5.34 -19.72
N ALA B 100 -5.98 -4.01 -19.67
CA ALA B 100 -5.42 -3.26 -18.57
C ALA B 100 -6.31 -3.37 -17.34
N ILE B 101 -7.57 -3.70 -17.54
CA ILE B 101 -8.46 -3.83 -16.41
C ILE B 101 -8.21 -5.13 -15.64
N THR B 102 -8.33 -6.26 -16.35
CA THR B 102 -8.14 -7.58 -15.77
C THR B 102 -6.67 -7.98 -15.62
N GLY B 103 -5.81 -7.40 -16.45
CA GLY B 103 -4.40 -7.73 -16.39
C GLY B 103 -4.06 -8.92 -17.25
N CYS B 104 -5.02 -9.42 -18.02
CA CYS B 104 -4.77 -10.57 -18.89
C CYS B 104 -3.80 -10.23 -20.01
N SER B 105 -2.63 -10.84 -19.93
CA SER B 105 -1.59 -10.62 -20.92
C SER B 105 -1.99 -11.09 -22.33
N SER B 106 -2.53 -12.30 -22.45
CA SER B 106 -2.95 -12.85 -23.74
C SER B 106 -3.84 -11.89 -24.52
N ALA B 107 -4.55 -11.04 -23.79
CA ALA B 107 -5.43 -10.06 -24.40
C ALA B 107 -4.69 -9.24 -25.45
N LEU B 108 -3.56 -8.63 -25.08
CA LEU B 108 -2.80 -7.80 -26.02
C LEU B 108 -2.09 -8.60 -27.12
N ASP B 109 -1.71 -9.83 -26.78
CA ASP B 109 -1.03 -10.68 -27.73
C ASP B 109 -1.92 -10.82 -28.96
N THR B 110 -3.16 -11.23 -28.73
CA THR B 110 -4.09 -11.38 -29.84
C THR B 110 -4.20 -10.09 -30.65
N LEU B 111 -4.23 -8.94 -29.97
CA LEU B 111 -4.35 -7.67 -30.67
C LEU B 111 -3.13 -7.39 -31.52
N CYS B 112 -2.01 -7.99 -31.16
CA CYS B 112 -0.75 -7.78 -31.90
C CYS B 112 -0.89 -8.27 -33.34
N LEU B 113 -1.98 -9.01 -33.61
CA LEU B 113 -2.29 -9.50 -34.95
C LEU B 113 -3.19 -8.46 -35.62
N LEU B 114 -2.81 -7.19 -35.46
CA LEU B 114 -3.53 -6.05 -36.02
C LEU B 114 -2.60 -5.25 -36.94
N SER B 117 0.34 -0.07 -36.97
CA SER B 117 0.36 1.38 -37.12
C SER B 117 -1.03 1.90 -36.76
N ASP B 118 -2.01 0.99 -36.84
CA ASP B 118 -3.39 1.33 -36.52
C ASP B 118 -3.82 0.59 -35.26
N GLU B 119 -2.85 0.01 -34.58
CA GLU B 119 -3.12 -0.69 -33.34
C GLU B 119 -2.67 0.32 -32.30
N ILE B 120 -1.84 1.25 -32.78
CA ILE B 120 -1.31 2.34 -32.00
C ILE B 120 -2.43 3.35 -31.80
N VAL B 121 -3.16 3.66 -32.88
CA VAL B 121 -4.26 4.61 -32.75
C VAL B 121 -5.27 4.03 -31.74
N LYS B 122 -5.12 2.74 -31.46
CA LYS B 122 -5.98 2.04 -30.50
C LYS B 122 -5.54 2.39 -29.08
N GLN B 125 -6.02 7.20 -28.97
CA GLN B 125 -7.26 7.78 -28.47
C GLN B 125 -8.20 6.77 -27.86
N ALA B 126 -7.63 5.86 -27.10
CA ALA B 126 -8.45 4.93 -26.39
C ALA B 126 -8.97 5.93 -25.37
N GLU B 127 -10.00 6.68 -25.76
CA GLU B 127 -10.57 7.73 -24.89
C GLU B 127 -9.41 8.50 -24.27
N ASN B 128 -8.38 8.74 -25.09
CA ASN B 128 -7.19 9.46 -24.66
C ASN B 128 -6.29 8.62 -23.73
N TYR B 129 -5.65 7.61 -24.31
CA TYR B 129 -4.74 6.74 -23.56
C TYR B 129 -5.36 6.11 -22.32
N GLN B 130 -6.67 5.89 -22.35
CA GLN B 130 -7.35 5.29 -21.22
C GLN B 130 -6.79 3.93 -20.88
N ALA B 131 -6.46 3.14 -21.90
CA ALA B 131 -5.92 1.83 -21.62
C ALA B 131 -4.70 1.93 -20.70
N PHE B 132 -3.91 3.00 -20.86
CA PHE B 132 -2.71 3.23 -20.03
C PHE B 132 -3.11 3.69 -18.64
N ARG B 133 -4.17 4.48 -18.58
CA ARG B 133 -4.72 5.01 -17.34
C ARG B 133 -5.35 3.87 -16.50
N LEU B 134 -6.04 2.93 -17.16
CA LEU B 134 -6.67 1.82 -16.47
C LEU B 134 -5.60 0.90 -15.87
N ALA B 135 -4.62 0.56 -16.69
CA ALA B 135 -3.55 -0.31 -16.25
C ALA B 135 -2.88 0.25 -14.98
N ALA B 136 -2.81 1.56 -14.87
CA ALA B 136 -2.17 2.18 -13.72
C ALA B 136 -3.05 2.14 -12.49
N GLU B 137 -4.34 2.24 -12.69
CA GLU B 137 -5.29 2.21 -11.59
C GLU B 137 -5.36 0.83 -10.97
N ASN B 138 -5.37 -0.21 -11.80
CA ASN B 138 -5.42 -1.57 -11.28
C ASN B 138 -4.04 -2.11 -10.92
N GLY B 139 -3.02 -1.28 -11.04
CA GLY B 139 -1.67 -1.70 -10.67
C GLY B 139 -1.05 -2.80 -11.52
N HIS B 140 -1.44 -2.87 -12.79
CA HIS B 140 -0.89 -3.86 -13.68
C HIS B 140 0.31 -3.24 -14.37
N LEU B 141 1.48 -3.45 -13.77
CA LEU B 141 2.74 -2.94 -14.28
C LEU B 141 3.13 -3.70 -15.54
N HIS B 142 2.85 -5.01 -15.59
CA HIS B 142 3.18 -5.78 -16.79
C HIS B 142 2.42 -5.28 -17.98
N VAL B 143 1.14 -4.97 -17.81
CA VAL B 143 0.32 -4.47 -18.94
C VAL B 143 0.74 -3.06 -19.32
N LEU B 144 1.15 -2.30 -18.31
CA LEU B 144 1.60 -0.93 -18.53
C LEU B 144 2.81 -0.98 -19.46
N ASN B 145 3.78 -1.81 -19.09
CA ASN B 145 5.01 -1.97 -19.87
C ASN B 145 4.77 -2.52 -21.27
N ARG B 146 3.65 -3.20 -21.47
CA ARG B 146 3.35 -3.75 -22.79
C ARG B 146 2.86 -2.63 -23.71
N LEU B 147 2.19 -1.64 -23.12
CA LEU B 147 1.70 -0.52 -23.92
C LEU B 147 2.84 0.35 -24.43
N CYS B 148 3.91 0.47 -23.64
CA CYS B 148 5.06 1.28 -24.03
C CYS B 148 5.85 0.63 -25.17
N GLU B 149 5.92 -0.70 -25.17
CA GLU B 149 6.63 -1.45 -26.21
C GLU B 149 5.88 -1.34 -27.53
N LEU B 150 4.55 -1.36 -27.43
CA LEU B 150 3.65 -1.31 -28.57
C LEU B 150 3.41 0.10 -29.10
N ALA B 151 3.85 1.11 -28.38
CA ALA B 151 3.64 2.47 -28.84
C ALA B 151 4.65 3.38 -28.16
N PRO B 152 5.95 3.13 -28.40
CA PRO B 152 7.05 3.89 -27.82
C PRO B 152 7.04 5.37 -28.12
N THR B 153 6.49 5.74 -29.26
CA THR B 153 6.42 7.15 -29.65
C THR B 153 5.40 7.93 -28.84
N GLU B 154 4.62 7.26 -27.99
CA GLU B 154 3.62 7.95 -27.18
C GLU B 154 3.81 7.79 -25.67
N ILE B 155 4.90 7.15 -25.26
CA ILE B 155 5.14 6.95 -23.84
C ILE B 155 4.98 8.25 -23.05
N MSE B 156 5.45 9.35 -23.60
CA MSE B 156 5.36 10.64 -22.94
C MSE B 156 3.93 11.20 -22.95
O MSE B 156 3.48 11.82 -21.98
CB MSE B 156 6.31 11.63 -23.61
CG MSE B 156 6.58 12.89 -22.78
SE MSE B 156 7.28 12.49 -21.01
CE MSE B 156 8.74 11.29 -21.52
N ALA B 157 3.22 11.00 -24.06
CA ALA B 157 1.85 11.47 -24.19
C ALA B 157 0.94 10.66 -23.27
N MSE B 158 1.30 9.40 -23.06
CA MSE B 158 0.51 8.53 -22.22
C MSE B 158 0.65 8.89 -20.76
O MSE B 158 -0.28 8.72 -19.98
CB MSE B 158 0.92 7.08 -22.41
CG MSE B 158 0.71 6.56 -23.82
SE MSE B 158 0.77 4.65 -23.87
CE MSE B 158 2.56 4.35 -23.23
N ILE B 159 1.82 9.38 -20.39
CA ILE B 159 2.09 9.77 -19.02
C ILE B 159 1.44 11.09 -18.68
N GLN B 160 1.59 12.08 -19.56
CA GLN B 160 1.01 13.40 -19.34
C GLN B 160 -0.49 13.44 -19.52
N ALA B 161 -1.04 12.52 -20.32
CA ALA B 161 -2.48 12.52 -20.58
C ALA B 161 -3.32 12.80 -19.34
N GLU B 162 -4.39 13.58 -19.52
CA GLU B 162 -5.29 13.93 -18.45
C GLU B 162 -4.63 14.40 -17.16
N ASN B 163 -3.63 15.26 -17.30
CA ASN B 163 -2.93 15.78 -16.13
C ASN B 163 -2.29 14.70 -15.27
N TYR B 164 -1.43 13.91 -15.89
CA TYR B 164 -0.73 12.85 -15.21
C TYR B 164 -1.67 12.00 -14.42
N HIS B 165 -2.80 11.65 -15.03
CA HIS B 165 -3.83 10.86 -14.40
C HIS B 165 -3.30 9.48 -13.98
N ALA B 166 -2.43 8.90 -14.79
CA ALA B 166 -1.88 7.57 -14.48
C ALA B 166 -1.13 7.58 -13.15
N PHE B 167 -0.32 8.60 -12.94
CA PHE B 167 0.45 8.70 -11.71
C PHE B 167 -0.53 8.90 -10.56
N ARG B 168 -1.44 9.86 -10.70
CA ARG B 168 -2.43 10.14 -9.67
C ARG B 168 -3.30 8.93 -9.31
N LEU B 169 -3.77 8.19 -10.32
CA LEU B 169 -4.59 7.00 -10.09
C LEU B 169 -3.78 5.93 -9.35
N ALA B 170 -2.54 5.71 -9.79
CA ALA B 170 -1.67 4.71 -9.16
C ALA B 170 -1.34 5.12 -7.73
N ALA B 171 -1.19 6.43 -7.49
CA ALA B 171 -0.87 6.95 -6.16
C ALA B 171 -2.04 6.78 -5.19
N GLU B 172 -3.26 7.08 -5.62
CA GLU B 172 -4.40 6.94 -4.73
C GLU B 172 -4.72 5.48 -4.45
N ASN B 173 -4.14 4.57 -5.22
CA ASN B 173 -4.40 3.17 -4.97
C ASN B 173 -3.21 2.49 -4.29
N GLY B 174 -2.14 3.25 -4.07
CA GLY B 174 -0.97 2.74 -3.38
C GLY B 174 -0.06 1.88 -4.23
N HIS B 175 -0.08 2.10 -5.54
CA HIS B 175 0.75 1.30 -6.41
C HIS B 175 2.14 1.88 -6.58
N LEU B 176 2.88 1.90 -5.48
CA LEU B 176 4.25 2.43 -5.48
C LEU B 176 5.07 1.79 -6.58
N HIS B 177 4.73 0.56 -6.98
CA HIS B 177 5.49 -0.07 -8.04
C HIS B 177 5.21 0.61 -9.39
N VAL B 178 3.98 1.06 -9.62
CA VAL B 178 3.66 1.73 -10.85
C VAL B 178 4.29 3.13 -10.86
N LEU B 179 4.32 3.76 -9.70
CA LEU B 179 4.89 5.08 -9.53
C LEU B 179 6.37 5.07 -9.88
N ASN B 180 7.10 4.07 -9.36
CA ASN B 180 8.53 3.97 -9.66
C ASN B 180 8.78 3.82 -11.16
N ARG B 181 7.91 3.09 -11.87
CA ARG B 181 8.07 2.93 -13.31
C ARG B 181 7.84 4.25 -14.02
N LEU B 182 6.76 4.93 -13.65
CA LEU B 182 6.39 6.19 -14.25
C LEU B 182 7.48 7.23 -14.12
N CYS B 183 8.06 7.34 -12.92
CA CYS B 183 9.13 8.30 -12.71
C CYS B 183 10.34 7.93 -13.56
N GLU B 184 10.49 6.64 -13.85
CA GLU B 184 11.60 6.17 -14.67
C GLU B 184 11.32 6.48 -16.15
N LEU B 185 10.08 6.33 -16.57
CA LEU B 185 9.75 6.60 -17.95
C LEU B 185 9.79 8.10 -18.25
N ALA B 186 9.63 8.91 -17.22
CA ALA B 186 9.64 10.36 -17.35
C ALA B 186 10.35 10.97 -16.16
N PRO B 187 11.68 10.80 -16.07
CA PRO B 187 12.47 11.34 -14.97
C PRO B 187 12.34 12.85 -14.82
N THR B 188 12.01 13.53 -15.91
CA THR B 188 11.85 14.97 -15.88
C THR B 188 10.51 15.37 -15.28
N GLU B 189 9.41 14.89 -15.85
CA GLU B 189 8.08 15.25 -15.35
C GLU B 189 7.83 14.85 -13.92
N ALA B 190 8.81 14.20 -13.27
CA ALA B 190 8.60 13.74 -11.91
C ALA B 190 7.94 14.73 -10.94
N THR B 191 8.55 15.89 -10.77
CA THR B 191 8.07 16.94 -9.89
C THR B 191 6.70 17.44 -10.36
N ALA B 192 6.50 17.47 -11.66
CA ALA B 192 5.22 17.94 -12.16
C ALA B 192 4.12 16.95 -11.81
N MSE B 193 4.43 15.65 -11.84
CA MSE B 193 3.44 14.61 -11.52
C MSE B 193 3.05 14.63 -10.06
O MSE B 193 1.88 14.47 -9.72
CB MSE B 193 3.98 13.21 -11.85
CG MSE B 193 4.12 12.94 -13.33
SE MSE B 193 4.60 11.10 -13.77
CE MSE B 193 6.55 11.30 -13.83
N ILE B 194 4.03 14.81 -9.18
CA ILE B 194 3.69 14.79 -7.77
C ILE B 194 2.96 16.06 -7.38
N GLN B 195 3.02 17.06 -8.26
CA GLN B 195 2.35 18.34 -7.97
C GLN B 195 1.00 18.42 -8.64
N ALA B 196 0.87 17.76 -9.78
CA ALA B 196 -0.35 17.77 -10.55
C ALA B 196 -1.64 17.78 -9.73
N GLU B 197 -2.58 18.67 -10.09
CA GLU B 197 -3.87 18.80 -9.41
C GLU B 197 -3.77 19.09 -7.91
N ASN B 198 -2.86 19.98 -7.55
CA ASN B 198 -2.65 20.34 -6.16
C ASN B 198 -2.32 19.16 -5.24
N TYR B 199 -1.26 18.44 -5.60
CA TYR B 199 -0.79 17.27 -4.85
C TYR B 199 -1.90 16.23 -4.65
N TYR B 200 -2.56 15.91 -5.76
CA TYR B 200 -3.63 14.91 -5.78
C TYR B 200 -3.07 13.61 -5.22
N ALA B 201 -1.95 13.16 -5.78
CA ALA B 201 -1.32 11.92 -5.35
C ALA B 201 -1.19 11.82 -3.82
N PHE B 202 -0.56 12.82 -3.22
CA PHE B 202 -0.39 12.85 -1.77
C PHE B 202 -1.75 12.93 -1.05
N ARG B 203 -2.58 13.90 -1.43
CA ARG B 203 -3.87 14.05 -0.77
C ARG B 203 -4.76 12.80 -0.80
N TRP B 204 -4.73 12.06 -1.90
CA TRP B 204 -5.55 10.84 -2.02
C TRP B 204 -4.90 9.57 -1.48
N ALA B 205 -3.58 9.55 -1.37
CA ALA B 205 -2.94 8.37 -0.85
C ALA B 205 -3.02 8.41 0.68
N ALA B 206 -3.29 9.58 1.23
CA ALA B 206 -3.36 9.77 2.68
C ALA B 206 -4.69 9.47 3.33
N VAL B 207 -5.77 9.49 2.55
CA VAL B 207 -7.09 9.26 3.10
C VAL B 207 -7.23 7.89 3.73
N GLY B 208 -8.18 7.77 4.64
CA GLY B 208 -8.42 6.50 5.30
C GLY B 208 -7.23 6.00 6.08
N ARG B 209 -7.06 4.67 6.10
CA ARG B 209 -5.93 4.08 6.80
C ARG B 209 -4.67 4.56 6.09
N GLY B 210 -4.85 4.97 4.84
CA GLY B 210 -3.75 5.48 4.05
C GLY B 210 -2.82 4.43 3.47
N HIS B 211 -2.12 4.84 2.41
CA HIS B 211 -1.15 3.99 1.73
C HIS B 211 0.23 4.53 2.10
N HIS B 212 0.68 4.17 3.29
CA HIS B 212 1.96 4.63 3.80
C HIS B 212 3.14 4.51 2.86
N ASN B 213 3.14 3.46 2.04
CA ASN B 213 4.24 3.25 1.11
C ASN B 213 4.37 4.42 0.15
N VAL B 214 3.25 4.91 -0.36
CA VAL B 214 3.26 6.02 -1.30
C VAL B 214 3.50 7.34 -0.63
N ILE B 215 3.05 7.47 0.60
CA ILE B 215 3.22 8.70 1.36
C ILE B 215 4.66 8.93 1.77
N ASN B 216 5.32 7.87 2.22
CA ASN B 216 6.71 7.96 2.65
C ASN B 216 7.59 8.11 1.42
N PHE B 217 7.17 7.50 0.32
CA PHE B 217 7.93 7.61 -0.92
C PHE B 217 7.97 9.07 -1.30
N LEU B 218 6.79 9.70 -1.28
CA LEU B 218 6.67 11.09 -1.65
C LEU B 218 7.30 12.07 -0.68
N LEU B 219 7.27 11.71 0.58
CA LEU B 219 7.81 12.57 1.61
C LEU B 219 9.30 12.79 1.47
N ASP B 220 9.93 12.06 0.55
CA ASP B 220 11.36 12.24 0.32
C ASP B 220 11.55 13.47 -0.53
N CYS B 221 10.57 13.78 -1.37
CA CYS B 221 10.67 14.95 -2.23
C CYS B 221 10.47 16.19 -1.36
N PRO B 222 11.52 17.02 -1.20
CA PRO B 222 11.48 18.24 -0.40
C PRO B 222 10.22 19.09 -0.56
N VAL B 223 9.98 19.60 -1.77
CA VAL B 223 8.80 20.43 -2.01
C VAL B 223 7.54 19.79 -1.44
N MSE B 224 7.47 18.45 -1.51
CA MSE B 224 6.32 17.72 -1.01
C MSE B 224 6.26 17.81 0.50
O MSE B 224 5.23 18.18 1.07
CB MSE B 224 6.40 16.25 -1.43
CG MSE B 224 5.14 15.42 -1.13
SE MSE B 224 3.60 15.90 -2.21
CE MSE B 224 2.69 16.96 -0.89
N LEU B 225 7.36 17.45 1.15
CA LEU B 225 7.43 17.49 2.61
C LEU B 225 7.10 18.88 3.12
N ALA B 226 7.57 19.90 2.42
CA ALA B 226 7.31 21.27 2.83
C ALA B 226 5.81 21.50 2.87
N TYR B 227 5.11 20.99 1.87
CA TYR B 227 3.66 21.14 1.78
C TYR B 227 2.96 20.27 2.80
N ALA B 228 3.32 19.00 2.84
CA ALA B 228 2.68 18.10 3.78
C ALA B 228 2.87 18.50 5.24
N GLU B 229 4.09 18.87 5.62
CA GLU B 229 4.37 19.20 7.01
C GLU B 229 3.66 20.41 7.58
N ILE B 230 3.24 21.35 6.74
CA ILE B 230 2.55 22.53 7.25
C ILE B 230 1.08 22.22 7.49
N HIS B 231 0.63 21.06 7.06
CA HIS B 231 -0.76 20.66 7.29
C HIS B 231 -0.75 19.67 8.46
N GLU B 232 -0.54 20.18 9.66
CA GLU B 232 -0.47 19.32 10.84
C GLU B 232 -1.69 18.48 11.10
N PHE B 233 -2.86 19.09 11.03
CA PHE B 233 -4.10 18.37 11.31
C PHE B 233 -4.38 17.20 10.38
N GLU B 234 -4.01 17.36 9.12
CA GLU B 234 -4.25 16.34 8.13
C GLU B 234 -3.21 15.23 8.08
N TYR B 235 -1.93 15.59 8.19
CA TYR B 235 -0.85 14.62 8.08
C TYR B 235 0.10 14.53 9.27
N GLY B 236 0.27 15.64 9.99
CA GLY B 236 1.15 15.65 11.13
C GLY B 236 1.35 14.36 11.91
N GLU B 237 0.41 14.04 12.78
CA GLU B 237 0.52 12.83 13.61
C GLU B 237 0.62 11.49 12.89
N LYS B 238 -0.07 11.37 11.76
CA LYS B 238 -0.12 10.12 11.02
C LYS B 238 1.06 9.89 10.07
N TYR B 239 1.53 10.94 9.42
CA TYR B 239 2.64 10.73 8.48
C TYR B 239 3.92 11.52 8.73
N VAL B 240 3.78 12.84 8.88
CA VAL B 240 4.91 13.71 9.08
C VAL B 240 5.76 13.42 10.32
N ASN B 241 5.17 13.55 11.50
CA ASN B 241 5.93 13.30 12.72
C ASN B 241 6.64 11.97 12.77
N PRO B 242 5.93 10.88 12.43
CA PRO B 242 6.59 9.57 12.45
C PRO B 242 7.72 9.48 11.42
N PHE B 243 7.56 10.22 10.33
CA PHE B 243 8.55 10.24 9.24
C PHE B 243 9.80 11.00 9.70
N ILE B 244 9.61 12.25 10.12
CA ILE B 244 10.70 13.07 10.59
C ILE B 244 11.39 12.39 11.77
N ALA B 245 10.61 11.79 12.66
CA ALA B 245 11.20 11.08 13.80
C ALA B 245 12.17 10.00 13.30
N ARG B 246 11.71 9.13 12.41
CA ARG B 246 12.55 8.04 11.88
C ARG B 246 13.84 8.51 11.24
N HIS B 247 13.76 9.65 10.56
CA HIS B 247 14.94 10.19 9.92
C HIS B 247 15.85 10.84 10.96
N VAL B 248 15.30 11.70 11.81
CA VAL B 248 16.16 12.32 12.82
C VAL B 248 17.01 11.26 13.51
N ASN B 249 16.41 10.09 13.79
CA ASN B 249 17.13 8.99 14.44
C ASN B 249 18.17 8.42 13.48
N ARG B 250 17.74 8.23 12.24
CA ARG B 250 18.60 7.71 11.19
C ARG B 250 19.89 8.54 11.16
N LEU B 251 19.72 9.85 11.01
CA LEU B 251 20.85 10.78 10.98
C LEU B 251 21.64 10.70 12.28
N LYS B 252 20.93 10.46 13.38
CA LYS B 252 21.57 10.37 14.68
C LYS B 252 22.51 9.16 14.72
N GLU B 253 22.06 8.06 14.12
CA GLU B 253 22.85 6.85 14.09
C GLU B 253 23.90 6.93 12.97
N MSE B 254 24.18 8.15 12.52
CA MSE B 254 25.18 8.37 11.48
C MSE B 254 26.17 9.40 12.03
O MSE B 254 27.38 9.29 11.80
CB MSE B 254 24.55 8.85 10.18
CG MSE B 254 23.70 7.82 9.47
SE MSE B 254 23.07 8.41 7.72
CE MSE B 254 24.57 7.83 6.61
N HIS B 255 25.66 10.40 12.74
CA HIS B 255 26.53 11.41 13.35
C HIS B 255 27.36 10.61 14.34
N ASP B 256 26.67 9.80 15.13
CA ASP B 256 27.32 8.93 16.11
C ASP B 256 27.85 7.79 15.26
N ALA B 257 28.43 6.78 15.89
CA ALA B 257 28.95 5.65 15.13
C ALA B 257 29.77 6.20 13.96
N PHE B 258 30.32 7.40 14.14
CA PHE B 258 31.16 8.01 13.13
C PHE B 258 32.48 8.33 13.81
N LYS B 259 32.63 7.79 15.03
CA LYS B 259 33.83 7.96 15.84
C LYS B 259 34.96 7.16 15.19
N LEU B 260 34.59 6.13 14.46
CA LEU B 260 35.56 5.27 13.77
C LEU B 260 36.20 6.06 12.62
N SER B 261 35.76 7.31 12.45
CA SER B 261 36.30 8.19 11.43
C SER B 261 36.42 9.58 12.04
N ASN B 262 36.39 9.63 13.37
CA ASN B 262 36.47 10.88 14.13
C ASN B 262 37.33 11.99 13.51
N PRO B 263 38.51 11.66 12.96
CA PRO B 263 39.39 12.66 12.34
C PRO B 263 38.73 13.60 11.32
N VAL B 270 25.88 14.90 1.90
CA VAL B 270 26.49 15.30 0.64
C VAL B 270 25.57 16.05 -0.33
N THR B 271 24.42 15.47 -0.62
CA THR B 271 23.46 16.04 -1.56
C THR B 271 22.75 17.29 -1.05
N LYS B 272 22.42 18.19 -1.97
CA LYS B 272 21.71 19.41 -1.64
C LYS B 272 20.28 19.05 -1.28
N SER B 273 19.85 17.86 -1.67
CA SER B 273 18.50 17.40 -1.39
C SER B 273 18.34 17.10 0.10
N GLU B 274 19.29 16.37 0.66
CA GLU B 274 19.23 16.03 2.07
C GLU B 274 19.20 17.30 2.91
N CYS B 275 20.09 18.24 2.59
CA CYS B 275 20.14 19.49 3.33
C CYS B 275 18.79 20.18 3.29
N LEU B 276 18.17 20.25 2.11
CA LEU B 276 16.86 20.88 2.01
C LEU B 276 15.87 20.06 2.84
N GLN B 277 15.99 18.74 2.75
CA GLN B 277 15.12 17.87 3.50
C GLN B 277 15.26 18.18 4.98
N GLY B 278 16.50 18.27 5.45
CA GLY B 278 16.77 18.56 6.86
C GLY B 278 16.20 19.91 7.23
N PHE B 279 16.36 20.88 6.33
CA PHE B 279 15.84 22.22 6.55
C PHE B 279 14.35 22.12 6.82
N TYR B 280 13.61 21.40 5.99
CA TYR B 280 12.16 21.28 6.18
C TYR B 280 11.71 20.46 7.38
N MSE B 281 12.53 19.48 7.79
CA MSE B 281 12.19 18.67 8.96
C MSE B 281 12.38 19.53 10.18
O MSE B 281 11.69 19.37 11.19
CB MSE B 281 13.12 17.47 9.06
CG MSE B 281 13.15 16.60 7.84
SE MSE B 281 13.91 14.91 8.28
CE MSE B 281 15.77 15.32 8.02
N LEU B 282 13.34 20.45 10.09
CA LEU B 282 13.62 21.39 11.16
C LEU B 282 12.49 22.40 11.18
N ARG B 283 12.10 22.90 10.02
CA ARG B 283 11.02 23.88 9.98
C ARG B 283 9.84 23.31 10.76
N ASN B 284 9.41 22.10 10.42
CA ASN B 284 8.29 21.48 11.11
C ASN B 284 8.51 21.35 12.62
N LEU B 285 9.67 20.82 13.01
CA LEU B 285 10.01 20.65 14.42
C LEU B 285 9.79 21.97 15.14
N ILE B 286 10.29 23.05 14.55
CA ILE B 286 10.11 24.35 15.17
C ILE B 286 8.62 24.68 15.19
N ARG B 287 7.97 24.43 14.06
CA ARG B 287 6.55 24.68 13.90
C ARG B 287 5.70 23.99 14.96
N ARG B 288 6.07 22.79 15.35
CA ARG B 288 5.30 22.10 16.35
C ARG B 288 5.44 22.78 17.72
N ASN B 289 6.33 23.77 17.83
CA ASN B 289 6.57 24.52 19.07
C ASN B 289 6.36 23.67 20.31
N ASP B 290 7.24 22.70 20.56
CA ASP B 290 7.11 21.81 21.72
C ASP B 290 8.45 21.51 22.39
N GLU B 291 8.68 22.14 23.53
CA GLU B 291 9.91 21.96 24.30
C GLU B 291 10.60 20.61 24.14
N VAL B 292 9.86 19.51 24.22
CA VAL B 292 10.49 18.21 24.12
C VAL B 292 11.09 17.91 22.74
N LEU B 293 11.22 18.94 21.90
CA LEU B 293 11.78 18.76 20.55
C LEU B 293 13.04 19.59 20.31
N LEU B 294 13.38 20.40 21.29
CA LEU B 294 14.55 21.24 21.21
C LEU B 294 15.89 20.50 20.97
N ASP B 295 16.05 19.31 21.56
CA ASP B 295 17.28 18.53 21.36
C ASP B 295 17.46 18.07 19.92
N ASP B 296 16.37 17.72 19.26
CA ASP B 296 16.45 17.28 17.87
C ASP B 296 16.72 18.51 17.03
N ILE B 297 16.17 19.66 17.43
CA ILE B 297 16.37 20.89 16.67
C ILE B 297 17.82 21.30 16.77
N ARG B 298 18.41 21.00 17.93
CA ARG B 298 19.80 21.31 18.22
C ARG B 298 20.67 20.36 17.39
N PHE B 299 20.26 19.11 17.34
CA PHE B 299 21.02 18.14 16.58
C PHE B 299 21.08 18.55 15.10
N LEU B 300 19.92 18.66 14.45
CA LEU B 300 19.86 19.04 13.01
C LEU B 300 20.68 20.28 12.70
N LEU B 301 20.50 21.31 13.52
CA LEU B 301 21.24 22.56 13.36
C LEU B 301 22.74 22.34 13.51
N SER B 302 23.15 21.26 14.20
CA SER B 302 24.58 21.00 14.40
C SER B 302 25.26 20.45 13.15
N ILE B 303 24.47 19.99 12.20
CA ILE B 303 24.99 19.46 10.96
C ILE B 303 25.25 20.63 10.02
N PRO B 304 26.48 20.79 9.55
CA PRO B 304 26.88 21.87 8.64
C PRO B 304 25.91 22.13 7.48
N GLY B 305 25.63 21.09 6.70
CA GLY B 305 24.73 21.25 5.55
C GLY B 305 23.40 21.93 5.81
N ILE B 306 22.90 21.83 7.04
CA ILE B 306 21.61 22.41 7.45
C ILE B 306 21.79 23.79 8.10
N LYS B 307 22.74 23.91 9.02
CA LYS B 307 23.01 25.18 9.69
C LYS B 307 23.28 26.23 8.62
N ALA B 308 23.88 25.82 7.51
CA ALA B 308 24.17 26.76 6.45
C ALA B 308 22.91 27.12 5.66
N LEU B 309 21.77 26.65 6.14
CA LEU B 309 20.50 26.93 5.47
C LEU B 309 19.55 27.65 6.43
N ALA B 310 20.04 27.95 7.63
CA ALA B 310 19.22 28.60 8.63
C ALA B 310 18.69 29.97 8.21
N PRO B 311 19.51 30.78 7.53
CA PRO B 311 19.06 32.10 7.11
C PRO B 311 18.27 32.08 5.80
N THR B 312 18.34 30.97 5.08
CA THR B 312 17.63 30.87 3.82
C THR B 312 16.12 30.97 4.00
N ALA B 313 15.41 31.00 2.88
CA ALA B 313 13.97 31.11 2.92
C ALA B 313 13.35 30.47 1.69
N THR B 314 12.08 30.10 1.80
CA THR B 314 11.39 29.46 0.70
C THR B 314 10.94 30.44 -0.38
N ILE B 315 9.94 31.25 -0.07
CA ILE B 315 9.42 32.24 -1.00
C ILE B 315 10.58 33.08 -1.56
N PRO B 316 10.50 33.47 -2.84
CA PRO B 316 11.53 34.29 -3.50
C PRO B 316 11.73 35.66 -2.81
N GLY B 317 12.99 36.03 -2.56
CA GLY B 317 13.27 37.31 -1.91
C GLY B 317 13.05 37.38 -0.40
N ASP B 318 12.62 36.26 0.18
CA ASP B 318 12.34 36.19 1.60
C ASP B 318 13.61 35.74 2.34
N ALA B 319 13.63 35.87 3.66
CA ALA B 319 14.79 35.49 4.44
C ALA B 319 14.43 35.20 5.89
N ASN B 320 15.30 34.49 6.59
CA ASN B 320 15.09 34.11 7.98
C ASN B 320 13.67 33.60 8.25
N GLU B 321 13.22 32.70 7.40
CA GLU B 321 11.89 32.09 7.52
C GLU B 321 11.74 31.30 8.81
N LEU B 322 12.76 30.53 9.15
CA LEU B 322 12.74 29.73 10.36
C LEU B 322 12.66 30.58 11.61
N LEU B 323 13.38 31.70 11.66
CA LEU B 323 13.35 32.55 12.86
C LEU B 323 11.98 33.21 13.04
N ARG B 324 11.38 33.63 11.93
CA ARG B 324 10.06 34.24 11.95
C ARG B 324 9.01 33.23 12.38
N LEU B 325 9.15 31.98 11.90
CA LEU B 325 8.20 30.92 12.25
C LEU B 325 8.17 30.71 13.74
N ALA B 326 9.36 30.78 14.34
CA ALA B 326 9.54 30.62 15.76
C ALA B 326 9.03 31.87 16.46
N LEU B 327 9.32 33.04 15.91
CA LEU B 327 8.84 34.28 16.54
C LEU B 327 7.33 34.32 16.66
N ARG B 328 6.63 34.05 15.57
CA ARG B 328 5.17 34.09 15.59
C ARG B 328 4.56 33.02 16.49
N LEU B 329 5.26 31.90 16.62
CA LEU B 329 4.78 30.79 17.45
C LEU B 329 5.17 30.92 18.91
N GLY B 330 6.00 31.92 19.24
CA GLY B 330 6.43 32.09 20.61
C GLY B 330 7.26 30.91 21.08
N ASN B 331 8.05 30.36 20.16
CA ASN B 331 8.91 29.23 20.41
C ASN B 331 10.21 29.75 21.02
N GLN B 332 10.17 30.00 22.34
CA GLN B 332 11.36 30.46 23.07
C GLN B 332 12.20 29.21 23.19
N GLY B 333 13.33 29.16 22.51
CA GLY B 333 14.15 27.96 22.59
C GLY B 333 14.70 27.73 21.21
N ALA B 334 13.82 27.87 20.23
CA ALA B 334 14.21 27.71 18.85
C ALA B 334 14.70 29.09 18.38
N CYS B 335 14.17 30.15 18.99
CA CYS B 335 14.59 31.52 18.66
C CYS B 335 15.98 31.73 19.23
N ALA B 336 16.17 31.24 20.45
CA ALA B 336 17.43 31.34 21.12
C ALA B 336 18.50 30.62 20.31
N LEU B 337 18.18 29.43 19.82
CA LEU B 337 19.15 28.67 19.04
C LEU B 337 19.44 29.29 17.67
N LEU B 338 18.39 29.73 16.97
CA LEU B 338 18.60 30.32 15.64
C LEU B 338 19.42 31.59 15.73
N LEU B 339 19.05 32.46 16.67
CA LEU B 339 19.77 33.71 16.88
C LEU B 339 21.20 33.50 17.33
N SER B 340 21.53 32.28 17.76
CA SER B 340 22.87 31.96 18.21
C SER B 340 23.83 31.88 17.03
N ILE B 341 23.29 31.57 15.85
CA ILE B 341 24.11 31.45 14.65
C ILE B 341 24.23 32.80 13.93
N PRO B 342 25.48 33.18 13.59
CA PRO B 342 25.89 34.40 12.90
C PRO B 342 25.06 34.79 11.69
N SER B 343 25.09 33.96 10.66
CA SER B 343 24.34 34.26 9.43
C SER B 343 22.91 34.73 9.66
N VAL B 344 22.24 34.15 10.65
CA VAL B 344 20.86 34.48 11.01
C VAL B 344 20.80 35.81 11.75
N LEU B 345 21.58 35.95 12.81
CA LEU B 345 21.58 37.21 13.56
C LEU B 345 21.83 38.39 12.63
N ALA B 346 22.90 38.31 11.84
CA ALA B 346 23.27 39.36 10.91
C ALA B 346 22.07 39.92 10.16
N LEU B 347 21.12 39.07 9.82
CA LEU B 347 19.95 39.54 9.09
C LEU B 347 18.88 40.17 9.97
N THR B 348 19.08 40.16 11.27
CA THR B 348 18.09 40.74 12.16
C THR B 348 18.49 42.17 12.57
N LYS B 349 17.61 42.85 13.28
CA LYS B 349 17.93 44.20 13.75
C LYS B 349 18.85 44.09 14.94
N ALA B 350 19.80 45.04 15.05
CA ALA B 350 20.74 45.05 16.15
C ALA B 350 19.97 45.06 17.47
N ASN B 351 20.55 44.45 18.50
CA ASN B 351 19.89 44.44 19.80
C ASN B 351 20.70 45.26 20.79
N ASN B 352 20.02 45.96 21.69
CA ASN B 352 20.68 46.79 22.69
C ASN B 352 21.18 45.90 23.83
N TYR B 353 22.49 45.67 23.86
CA TYR B 353 23.04 44.83 24.91
C TYR B 353 23.23 45.58 26.22
N TYR B 354 23.06 46.90 26.19
CA TYR B 354 23.22 47.70 27.41
C TYR B 354 21.96 47.80 28.27
N ILE B 355 20.85 47.23 27.80
CA ILE B 355 19.58 47.27 28.52
C ILE B 355 19.01 45.85 28.72
N ASN B 356 18.92 45.43 29.98
CA ASN B 356 18.43 44.10 30.36
C ASN B 356 19.50 43.05 30.06
#